data_3RCW
#
_entry.id   3RCW
#
_cell.length_a   43.137
_cell.length_b   51.245
_cell.length_c   130.626
_cell.angle_alpha   100.610
_cell.angle_beta   90.750
_cell.angle_gamma   93.890
#
_symmetry.space_group_name_H-M   'P 1'
#
loop_
_entity.id
_entity.type
_entity.pdbx_description
1 polymer 'Bromodomain-containing protein 1'
2 non-polymer 1-methylpyrrolidin-2-one
3 non-polymer 'ACETATE ION'
4 non-polymer 1,2-ETHANEDIOL
5 water water
#
_entity_poly.entity_id   1
_entity_poly.type   'polypeptide(L)'
_entity_poly.pdbx_seq_one_letter_code
;SMEQVAMELRLTPLTVLLRSVLDQLQDKDPARIFAQPVSLKEVPDYLDHIKHPMDFATMRKRLEAQGYKNLHEFEEDFDL
IIDNCMKYNARDTVFYRAAVRLRDQGGVVLRQARREVDSIGLEEASGMHLPERPA
;
_entity_poly.pdbx_strand_id   A,B,C,D,E,F,G,H
#
# COMPACT_ATOMS: atom_id res chain seq x y z
N LEU A 9 36.32 6.47 -27.01
CA LEU A 9 35.56 6.53 -25.72
C LEU A 9 36.06 5.43 -24.77
N ARG A 10 36.04 5.73 -23.47
CA ARG A 10 36.60 4.85 -22.41
C ARG A 10 35.49 4.10 -21.65
N LEU A 11 34.83 3.14 -22.30
CA LEU A 11 33.52 2.64 -21.82
C LEU A 11 33.66 1.52 -20.81
N THR A 12 32.98 1.64 -19.66
CA THR A 12 32.98 0.58 -18.64
C THR A 12 32.09 -0.57 -19.07
N PRO A 13 32.28 -1.74 -18.47
CA PRO A 13 31.43 -2.83 -18.87
C PRO A 13 29.93 -2.58 -18.51
N LEU A 14 29.65 -1.90 -17.40
CA LEU A 14 28.25 -1.64 -17.09
C LEU A 14 27.58 -0.84 -18.23
N THR A 15 28.25 0.24 -18.66
CA THR A 15 27.75 1.10 -19.71
C THR A 15 27.46 0.28 -21.00
N VAL A 16 28.40 -0.56 -21.42
CA VAL A 16 28.24 -1.41 -22.59
C VAL A 16 27.01 -2.28 -22.45
N LEU A 17 26.85 -2.87 -21.29
CA LEU A 17 25.67 -3.66 -21.06
C LEU A 17 24.37 -2.81 -21.08
N LEU A 18 24.42 -1.65 -20.44
CA LEU A 18 23.24 -0.84 -20.33
C LEU A 18 22.87 -0.30 -21.71
N ARG A 19 23.86 0.03 -22.53
CA ARG A 19 23.55 0.44 -23.89
C ARG A 19 22.84 -0.64 -24.68
N SER A 20 23.23 -1.88 -24.46
CA SER A 20 22.58 -2.98 -25.15
C SER A 20 21.17 -3.15 -24.64
N VAL A 21 21.01 -2.96 -23.33
CA VAL A 21 19.69 -2.98 -22.75
C VAL A 21 18.87 -1.89 -23.36
N LEU A 22 19.37 -0.67 -23.30
CA LEU A 22 18.65 0.51 -23.76
C LEU A 22 18.24 0.43 -25.22
N ASP A 23 19.13 -0.09 -26.06
CA ASP A 23 18.79 -0.27 -27.49
C ASP A 23 17.69 -1.29 -27.69
N GLN A 24 17.70 -2.32 -26.85
CA GLN A 24 16.67 -3.36 -26.94
C GLN A 24 15.32 -2.83 -26.44
N LEU A 25 15.36 -1.95 -25.46
CA LEU A 25 14.12 -1.36 -24.93
C LEU A 25 13.49 -0.49 -25.99
N GLN A 26 14.35 0.30 -26.64
CA GLN A 26 13.90 1.14 -27.74
C GLN A 26 13.38 0.30 -28.89
N ASP A 27 13.94 -0.89 -29.11
CA ASP A 27 13.51 -1.72 -30.23
C ASP A 27 12.07 -2.11 -30.09
N LYS A 28 11.63 -2.23 -28.83
CA LYS A 28 10.25 -2.55 -28.50
C LYS A 28 9.30 -1.34 -28.56
N ASP A 29 9.79 -0.15 -28.88
CA ASP A 29 8.95 1.06 -28.99
C ASP A 29 8.92 1.58 -30.45
N PRO A 30 8.57 0.73 -31.40
CA PRO A 30 8.70 1.15 -32.81
C PRO A 30 8.01 2.45 -33.18
N ALA A 31 6.97 2.83 -32.45
CA ALA A 31 6.28 4.09 -32.73
C ALA A 31 6.96 5.26 -32.11
N ARG A 32 8.03 5.04 -31.36
CA ARG A 32 8.81 6.15 -30.80
C ARG A 32 7.91 7.03 -29.91
N ILE A 33 7.04 6.37 -29.16
CA ILE A 33 6.23 7.04 -28.19
C ILE A 33 7.08 7.60 -27.05
N PHE A 34 8.09 6.86 -26.62
CA PHE A 34 8.89 7.30 -25.49
C PHE A 34 10.33 7.67 -25.86
N ALA A 35 10.55 7.96 -27.13
CA ALA A 35 11.87 8.24 -27.68
C ALA A 35 12.46 9.55 -27.15
N GLN A 36 11.57 10.53 -26.95
CA GLN A 36 11.93 11.91 -26.59
C GLN A 36 11.08 12.46 -25.41
N PRO A 37 11.61 13.48 -24.69
CA PRO A 37 10.82 14.22 -23.71
C PRO A 37 9.46 14.61 -24.31
N VAL A 38 8.43 14.45 -23.50
CA VAL A 38 7.08 14.93 -23.81
C VAL A 38 7.14 16.43 -24.09
N SER A 39 6.48 16.89 -25.15
CA SER A 39 6.42 18.33 -25.39
C SER A 39 5.32 18.97 -24.56
N LEU A 40 5.70 20.04 -23.86
CA LEU A 40 4.76 20.83 -23.07
C LEU A 40 3.83 21.65 -23.93
N LYS A 41 4.27 22.03 -25.13
CA LYS A 41 3.40 22.71 -26.10
C LYS A 41 2.25 21.80 -26.45
N GLU A 42 2.57 20.51 -26.53
CA GLU A 42 1.61 19.45 -26.90
CA GLU A 42 1.57 19.53 -26.92
C GLU A 42 0.86 18.99 -25.67
N VAL A 43 1.48 19.15 -24.49
CA VAL A 43 0.81 18.70 -23.27
C VAL A 43 1.05 19.66 -22.10
N PRO A 44 0.27 20.74 -22.03
CA PRO A 44 0.66 21.85 -21.15
C PRO A 44 0.45 21.58 -19.68
N ASP A 45 -0.35 20.56 -19.35
CA ASP A 45 -0.64 20.25 -17.94
C ASP A 45 0.26 19.13 -17.44
N TYR A 46 1.16 18.66 -18.29
CA TYR A 46 1.89 17.45 -17.98
C TYR A 46 2.47 17.52 -16.61
N LEU A 47 3.06 18.64 -16.24
CA LEU A 47 3.73 18.73 -14.93
C LEU A 47 2.78 18.99 -13.75
N ASP A 48 1.47 19.12 -14.01
CA ASP A 48 0.49 19.03 -12.92
C ASP A 48 0.48 17.59 -12.36
N HIS A 49 0.63 16.60 -13.25
CA HIS A 49 0.47 15.20 -12.87
C HIS A 49 1.79 14.49 -12.62
N ILE A 50 2.85 14.86 -13.35
CA ILE A 50 4.13 14.13 -13.37
C ILE A 50 5.27 14.91 -12.74
N LYS A 51 5.92 14.32 -11.74
CA LYS A 51 6.96 15.02 -10.98
C LYS A 51 8.35 14.92 -11.61
N HIS A 52 8.58 13.83 -12.33
CA HIS A 52 9.88 13.48 -12.89
C HIS A 52 9.64 12.90 -14.29
N PRO A 53 9.58 13.77 -15.29
CA PRO A 53 9.52 13.28 -16.66
C PRO A 53 10.77 12.46 -17.02
N MET A 54 10.60 11.46 -17.88
CA MET A 54 11.74 10.65 -18.34
C MET A 54 11.42 10.10 -19.72
N ASP A 55 12.45 9.89 -20.53
CA ASP A 55 12.29 9.39 -21.91
C ASP A 55 13.59 8.68 -22.29
N PHE A 56 13.62 7.94 -23.39
CA PHE A 56 14.83 7.16 -23.69
C PHE A 56 15.96 8.08 -24.09
N ALA A 57 15.61 9.17 -24.77
CA ALA A 57 16.63 10.16 -25.16
C ALA A 57 17.40 10.65 -23.93
N THR A 58 16.71 10.93 -22.84
CA THR A 58 17.39 11.47 -21.63
C THR A 58 18.22 10.38 -20.96
N MET A 59 17.77 9.13 -21.07
CA MET A 59 18.50 8.01 -20.47
C MET A 59 19.77 7.75 -21.27
N ARG A 60 19.67 7.76 -22.60
CA ARG A 60 20.86 7.56 -23.45
C ARG A 60 21.93 8.64 -23.15
N LYS A 61 21.46 9.88 -23.03
CA LYS A 61 22.35 11.00 -22.65
C LYS A 61 23.06 10.78 -21.32
N ARG A 62 22.33 10.35 -20.27
CA ARG A 62 22.97 10.01 -19.01
C ARG A 62 23.93 8.84 -19.26
N LEU A 63 23.51 7.84 -20.05
CA LEU A 63 24.35 6.65 -20.27
C LEU A 63 25.63 7.00 -20.96
N GLU A 64 25.52 7.71 -22.06
CA GLU A 64 26.68 8.10 -22.83
C GLU A 64 27.68 8.98 -22.06
N ALA A 65 27.22 9.65 -20.98
CA ALA A 65 28.12 10.35 -20.03
C ALA A 65 28.54 9.40 -18.89
N GLN A 66 28.23 8.12 -19.04
CA GLN A 66 28.56 7.09 -18.04
C GLN A 66 28.02 7.46 -16.67
N GLY A 67 26.82 8.05 -16.68
CA GLY A 67 26.13 8.56 -15.48
C GLY A 67 25.27 7.58 -14.69
N TYR A 68 25.25 6.32 -15.11
CA TYR A 68 24.71 5.22 -14.31
C TYR A 68 25.83 4.47 -13.60
N LYS A 69 25.69 4.35 -12.29
CA LYS A 69 26.71 3.74 -11.44
C LYS A 69 26.35 2.29 -11.21
N ASN A 70 25.07 1.94 -11.42
CA ASN A 70 24.60 0.57 -11.25
C ASN A 70 23.31 0.27 -12.05
N LEU A 71 22.98 -1.00 -12.25
CA LEU A 71 21.75 -1.34 -13.04
C LEU A 71 20.50 -0.77 -12.33
N HIS A 72 20.56 -0.71 -11.01
CA HIS A 72 19.43 -0.25 -10.23
C HIS A 72 19.05 1.19 -10.59
N GLU A 73 20.04 2.02 -10.89
CA GLU A 73 19.76 3.41 -11.31
C GLU A 73 19.07 3.46 -12.65
N PHE A 74 19.44 2.54 -13.54
CA PHE A 74 18.92 2.50 -14.90
C PHE A 74 17.47 2.07 -14.84
N GLU A 75 17.19 1.00 -14.11
CA GLU A 75 15.81 0.47 -13.97
C GLU A 75 14.86 1.49 -13.36
N GLU A 76 15.35 2.26 -12.39
CA GLU A 76 14.52 3.32 -11.79
C GLU A 76 14.06 4.33 -12.90
N ASP A 77 14.97 4.78 -13.75
CA ASP A 77 14.58 5.70 -14.82
C ASP A 77 13.67 4.98 -15.81
N PHE A 78 13.94 3.71 -16.14
CA PHE A 78 13.03 3.02 -17.07
C PHE A 78 11.63 2.95 -16.49
N ASP A 79 11.52 2.60 -15.21
CA ASP A 79 10.23 2.58 -14.51
C ASP A 79 9.43 3.91 -14.59
N LEU A 80 10.14 5.03 -14.43
CA LEU A 80 9.59 6.38 -14.60
C LEU A 80 8.89 6.54 -15.96
N ILE A 81 9.54 6.08 -17.04
CA ILE A 81 8.98 6.20 -18.39
C ILE A 81 7.62 5.56 -18.46
N ILE A 82 7.60 4.33 -17.97
CA ILE A 82 6.40 3.50 -17.90
C ILE A 82 5.31 4.12 -16.97
N ASP A 83 5.72 4.36 -15.73
CA ASP A 83 4.79 4.79 -14.69
C ASP A 83 4.22 6.17 -15.06
N ASN A 84 5.03 7.06 -15.64
CA ASN A 84 4.55 8.38 -15.96
C ASN A 84 3.43 8.30 -16.98
N CYS A 85 3.59 7.44 -17.99
CA CYS A 85 2.64 7.27 -19.08
C CYS A 85 1.34 6.70 -18.56
N MET A 86 1.43 5.78 -17.61
CA MET A 86 0.25 5.14 -17.06
C MET A 86 -0.48 6.11 -16.11
N LYS A 87 0.25 6.93 -15.35
CA LYS A 87 -0.37 7.97 -14.52
C LYS A 87 -1.04 9.05 -15.35
N TYR A 88 -0.43 9.49 -16.45
CA TYR A 88 -1.03 10.57 -17.25
C TYR A 88 -2.15 10.08 -18.15
N ASN A 89 -1.97 8.97 -18.85
CA ASN A 89 -2.96 8.56 -19.82
C ASN A 89 -3.94 7.54 -19.25
N ALA A 90 -5.20 7.67 -19.64
CA ALA A 90 -6.27 6.74 -19.28
C ALA A 90 -5.99 5.35 -19.79
N ARG A 91 -6.47 4.33 -19.06
CA ARG A 91 -6.35 2.91 -19.50
C ARG A 91 -6.84 2.68 -20.95
N ASP A 92 -7.70 3.57 -21.44
CA ASP A 92 -8.42 3.43 -22.73
C ASP A 92 -7.55 3.74 -23.97
N THR A 93 -6.35 4.24 -23.73
CA THR A 93 -5.57 4.91 -24.77
C THR A 93 -4.46 4.05 -25.34
N VAL A 94 -3.88 4.52 -26.44
CA VAL A 94 -2.74 3.86 -27.09
C VAL A 94 -1.47 4.05 -26.22
N PHE A 95 -1.29 5.23 -25.67
CA PHE A 95 -0.14 5.48 -24.86
C PHE A 95 -0.14 4.51 -23.68
N TYR A 96 -1.25 4.37 -22.98
CA TYR A 96 -1.32 3.43 -21.88
C TYR A 96 -1.03 1.97 -22.28
N ARG A 97 -1.63 1.52 -23.38
CA ARG A 97 -1.47 0.15 -23.85
C ARG A 97 -0.02 -0.11 -24.22
N ALA A 98 0.58 0.79 -25.00
CA ALA A 98 1.97 0.61 -25.43
C ALA A 98 2.89 0.50 -24.21
N ALA A 99 2.62 1.31 -23.21
CA ALA A 99 3.39 1.32 -21.97
C ALA A 99 3.32 -0.05 -21.29
N VAL A 100 2.15 -0.65 -21.23
CA VAL A 100 2.01 -1.97 -20.63
C VAL A 100 2.82 -3.00 -21.43
N ARG A 101 2.65 -2.99 -22.75
CA ARG A 101 3.40 -3.86 -23.68
C ARG A 101 4.91 -3.72 -23.49
N LEU A 102 5.36 -2.46 -23.37
CA LEU A 102 6.78 -2.17 -23.19
C LEU A 102 7.27 -2.58 -21.80
N ARG A 103 6.43 -2.41 -20.79
CA ARG A 103 6.80 -2.83 -19.42
C ARG A 103 7.03 -4.34 -19.37
N ASP A 104 6.03 -5.08 -19.82
CA ASP A 104 6.13 -6.53 -19.94
C ASP A 104 7.35 -6.98 -20.75
N GLN A 105 7.45 -6.52 -22.00
CA GLN A 105 8.56 -6.93 -22.86
C GLN A 105 9.95 -6.55 -22.27
N GLY A 106 10.03 -5.41 -21.59
CA GLY A 106 11.31 -4.91 -21.06
C GLY A 106 11.70 -5.54 -19.75
N GLY A 107 10.70 -6.04 -19.04
CA GLY A 107 10.95 -6.86 -17.86
C GLY A 107 11.84 -8.02 -18.25
N VAL A 108 11.55 -8.65 -19.38
CA VAL A 108 12.32 -9.80 -19.84
C VAL A 108 13.76 -9.37 -20.00
N VAL A 109 13.92 -8.23 -20.66
CA VAL A 109 15.25 -7.78 -21.00
C VAL A 109 16.03 -7.36 -19.73
N LEU A 110 15.37 -6.75 -18.76
CA LEU A 110 16.10 -6.27 -17.58
C LEU A 110 16.45 -7.45 -16.69
N ARG A 111 15.56 -8.43 -16.64
CA ARG A 111 15.83 -9.65 -15.92
C ARG A 111 17.03 -10.33 -16.55
N GLN A 112 17.08 -10.36 -17.87
CA GLN A 112 18.30 -10.86 -18.53
C GLN A 112 19.52 -10.05 -18.17
N ALA A 113 19.38 -8.72 -18.10
CA ALA A 113 20.49 -7.85 -17.73
C ALA A 113 21.01 -8.13 -16.33
N ARG A 114 20.12 -8.42 -15.38
CA ARG A 114 20.56 -8.75 -14.00
C ARG A 114 21.44 -10.01 -14.00
N ARG A 115 21.00 -11.05 -14.69
CA ARG A 115 21.81 -12.28 -14.81
C ARG A 115 23.17 -11.97 -15.37
N GLU A 116 23.22 -11.07 -16.33
CA GLU A 116 24.48 -10.74 -16.95
C GLU A 116 25.40 -9.88 -16.06
N VAL A 117 24.85 -8.98 -15.24
CA VAL A 117 25.72 -8.29 -14.28
C VAL A 117 26.32 -9.29 -13.27
N ASP A 118 25.52 -10.28 -12.86
CA ASP A 118 26.03 -11.40 -12.02
C ASP A 118 27.10 -12.23 -12.77
N SER A 119 26.80 -12.65 -13.99
CA SER A 119 27.77 -13.38 -14.85
C SER A 119 29.16 -12.70 -14.90
N ILE A 120 29.16 -11.39 -15.19
CA ILE A 120 30.42 -10.65 -15.25
C ILE A 120 31.04 -10.64 -13.85
N GLY A 121 30.20 -10.54 -12.83
CA GLY A 121 30.69 -10.69 -11.45
C GLY A 121 31.50 -11.98 -11.20
N LEU A 122 31.07 -13.09 -11.80
CA LEU A 122 31.76 -14.38 -11.63
C LEU A 122 33.08 -14.44 -12.39
N GLU A 123 33.16 -13.86 -13.59
CA GLU A 123 34.40 -13.88 -14.39
C GLU A 123 35.63 -13.49 -13.59
N GLU A 124 35.48 -12.59 -12.61
CA GLU A 124 36.56 -12.20 -11.66
C GLU A 124 36.52 -13.00 -10.33
N ALA A 125 37.16 -14.18 -10.23
CA ALA A 125 37.99 -14.81 -11.27
C ALA A 125 37.64 -16.29 -11.42
N ARG B 10 15.58 26.67 14.24
CA ARG B 10 14.53 27.55 13.68
C ARG B 10 13.94 26.87 12.43
N LEU B 11 12.63 26.61 12.46
CA LEU B 11 11.95 25.93 11.37
C LEU B 11 11.68 26.92 10.25
N THR B 12 11.98 26.53 9.03
CA THR B 12 11.70 27.39 7.89
C THR B 12 10.23 27.35 7.47
N PRO B 13 9.72 28.47 6.97
CA PRO B 13 8.40 28.46 6.43
C PRO B 13 8.01 27.16 5.75
N LEU B 14 8.88 26.61 4.92
CA LEU B 14 8.53 25.44 4.09
C LEU B 14 8.43 24.20 4.95
N THR B 15 9.32 24.04 5.93
CA THR B 15 9.25 22.93 6.85
C THR B 15 7.91 22.90 7.62
N VAL B 16 7.56 24.03 8.20
CA VAL B 16 6.36 24.18 8.96
C VAL B 16 5.11 23.81 8.11
N LEU B 17 5.08 24.19 6.85
CA LEU B 17 3.96 23.84 5.94
C LEU B 17 3.95 22.34 5.49
N LEU B 18 5.13 21.77 5.30
CA LEU B 18 5.21 20.36 4.85
C LEU B 18 4.81 19.46 6.03
N ARG B 19 5.23 19.88 7.21
CA ARG B 19 4.92 19.14 8.43
C ARG B 19 3.42 19.04 8.62
N SER B 20 2.75 20.18 8.55
CA SER B 20 1.31 20.16 8.55
C SER B 20 0.76 19.28 7.44
N VAL B 21 1.37 19.30 6.26
CA VAL B 21 0.83 18.51 5.13
C VAL B 21 0.98 17.02 5.41
N LEU B 22 2.08 16.66 6.07
CA LEU B 22 2.42 15.27 6.30
C LEU B 22 1.54 14.70 7.40
N ASP B 23 1.32 15.46 8.47
CA ASP B 23 0.33 15.09 9.52
C ASP B 23 -1.07 14.79 8.98
N GLN B 24 -1.63 15.69 8.18
CA GLN B 24 -2.92 15.46 7.53
C GLN B 24 -2.89 14.21 6.68
N LEU B 25 -1.82 14.03 5.90
CA LEU B 25 -1.64 12.81 5.10
C LEU B 25 -1.73 11.59 5.97
N GLN B 26 -0.99 11.59 7.06
CA GLN B 26 -1.01 10.44 7.95
C GLN B 26 -2.37 10.31 8.66
N ASP B 27 -3.09 11.42 8.84
CA ASP B 27 -4.43 11.35 9.45
C ASP B 27 -5.37 10.58 8.53
N LYS B 28 -5.03 10.49 7.25
CA LYS B 28 -5.87 9.69 6.33
C LYS B 28 -5.49 8.22 6.29
N ASP B 29 -4.49 7.80 7.07
CA ASP B 29 -4.06 6.42 7.09
C ASP B 29 -4.03 5.93 8.55
N PRO B 30 -5.22 5.90 9.22
CA PRO B 30 -5.17 5.51 10.62
C PRO B 30 -4.77 4.07 10.82
N ALA B 31 -4.96 3.25 9.76
CA ALA B 31 -4.46 1.87 9.73
C ALA B 31 -2.92 1.78 9.68
N ARG B 32 -2.25 2.90 9.41
CA ARG B 32 -0.78 2.94 9.49
C ARG B 32 -0.11 1.97 8.55
N ILE B 33 -0.77 1.70 7.42
CA ILE B 33 -0.23 0.85 6.37
C ILE B 33 1.05 1.47 5.77
N PHE B 34 1.05 2.80 5.65
CA PHE B 34 2.12 3.51 5.01
C PHE B 34 3.03 4.21 6.06
N ALA B 35 2.85 3.88 7.34
CA ALA B 35 3.56 4.58 8.44
C ALA B 35 5.04 4.33 8.50
N GLN B 36 5.47 3.14 8.08
CA GLN B 36 6.85 2.69 8.31
C GLN B 36 7.30 1.96 7.09
N PRO B 37 8.62 1.77 6.90
CA PRO B 37 9.04 1.11 5.68
C PRO B 37 8.46 -0.29 5.62
N VAL B 38 8.17 -0.76 4.41
CA VAL B 38 7.77 -2.14 4.23
C VAL B 38 8.85 -3.08 4.83
N SER B 39 8.43 -4.14 5.52
CA SER B 39 9.38 -5.12 6.05
C SER B 39 9.62 -6.21 5.02
N LEU B 40 10.87 -6.33 4.60
CA LEU B 40 11.28 -7.42 3.71
C LEU B 40 10.94 -8.79 4.29
N LYS B 41 11.06 -8.97 5.60
CA LYS B 41 10.66 -10.23 6.26
C LYS B 41 9.21 -10.57 5.93
N GLU B 42 8.35 -9.57 5.91
CA GLU B 42 6.94 -9.82 5.57
C GLU B 42 6.71 -9.91 4.08
N VAL B 43 7.56 -9.26 3.27
CA VAL B 43 7.40 -9.22 1.79
C VAL B 43 8.77 -9.35 1.12
N PRO B 44 9.32 -10.57 1.03
CA PRO B 44 10.74 -10.70 0.72
C PRO B 44 11.18 -10.42 -0.70
N ASP B 45 10.22 -10.41 -1.61
CA ASP B 45 10.45 -10.06 -3.01
C ASP B 45 10.07 -8.63 -3.35
N TYR B 46 9.93 -7.78 -2.34
CA TYR B 46 9.55 -6.37 -2.57
C TYR B 46 10.59 -5.70 -3.51
N LEU B 47 11.85 -5.98 -3.30
CA LEU B 47 12.86 -5.29 -4.05
C LEU B 47 13.03 -5.83 -5.47
N ASP B 48 12.41 -6.97 -5.81
CA ASP B 48 12.34 -7.41 -7.21
C ASP B 48 11.47 -6.49 -8.08
N HIS B 49 10.65 -5.66 -7.44
CA HIS B 49 9.67 -4.84 -8.16
C HIS B 49 9.83 -3.37 -7.88
N ILE B 50 10.22 -3.02 -6.66
CA ILE B 50 10.15 -1.66 -6.18
C ILE B 50 11.56 -1.18 -6.02
N LYS B 51 11.87 -0.12 -6.75
CA LYS B 51 13.25 0.32 -6.84
C LYS B 51 13.50 1.43 -5.85
N HIS B 52 12.47 2.20 -5.49
CA HIS B 52 12.66 3.29 -4.52
C HIS B 52 11.60 3.21 -3.43
N PRO B 53 11.83 2.41 -2.37
CA PRO B 53 10.81 2.26 -1.29
C PRO B 53 10.58 3.57 -0.57
N MET B 54 9.34 3.86 -0.19
CA MET B 54 9.07 5.08 0.57
C MET B 54 7.93 4.82 1.53
N ASP B 55 7.89 5.63 2.59
CA ASP B 55 6.95 5.51 3.69
C ASP B 55 6.97 6.84 4.46
N PHE B 56 6.05 6.98 5.43
CA PHE B 56 5.83 8.26 6.08
C PHE B 56 6.93 8.58 7.06
N ALA B 57 7.48 7.56 7.71
CA ALA B 57 8.53 7.79 8.70
C ALA B 57 9.79 8.28 8.01
N THR B 58 10.12 7.69 6.88
CA THR B 58 11.23 8.14 6.03
C THR B 58 11.04 9.61 5.60
N MET B 59 9.83 9.96 5.18
CA MET B 59 9.52 11.34 4.78
C MET B 59 9.64 12.30 5.94
N ARG B 60 9.19 11.86 7.12
CA ARG B 60 9.19 12.72 8.30
C ARG B 60 10.62 12.97 8.72
N LYS B 61 11.47 11.95 8.61
CA LYS B 61 12.89 12.08 8.95
C LYS B 61 13.60 13.10 8.06
N ARG B 62 13.42 12.95 6.75
CA ARG B 62 13.96 13.92 5.78
C ARG B 62 13.35 15.29 6.08
N LEU B 63 12.05 15.36 6.37
CA LEU B 63 11.45 16.65 6.70
C LEU B 63 12.09 17.24 7.98
N GLU B 64 12.26 16.44 9.02
CA GLU B 64 12.85 16.95 10.27
C GLU B 64 14.34 17.33 10.23
N ALA B 65 15.04 16.94 9.16
CA ALA B 65 16.35 17.56 8.86
C ALA B 65 16.22 18.67 7.79
N GLN B 66 15.01 19.20 7.60
CA GLN B 66 14.71 20.16 6.54
C GLN B 66 15.50 19.85 5.26
N GLY B 67 15.42 18.59 4.85
CA GLY B 67 16.06 18.11 3.62
C GLY B 67 15.12 18.12 2.44
N TYR B 68 13.99 18.79 2.59
CA TYR B 68 13.18 19.14 1.43
C TYR B 68 13.49 20.58 1.01
N LYS B 69 14.11 20.69 -0.16
CA LYS B 69 14.42 21.94 -0.84
C LYS B 69 13.12 22.70 -1.18
N ASN B 70 12.08 21.96 -1.56
CA ASN B 70 10.84 22.58 -1.95
C ASN B 70 9.65 21.58 -2.01
N LEU B 71 8.45 22.08 -2.29
CA LEU B 71 7.24 21.24 -2.27
C LEU B 71 7.31 20.09 -3.25
N HIS B 72 7.99 20.35 -4.35
CA HIS B 72 8.05 19.42 -5.44
C HIS B 72 8.75 18.13 -4.98
N GLU B 73 9.82 18.25 -4.18
CA GLU B 73 10.55 17.09 -3.66
C GLU B 73 9.66 16.23 -2.78
N PHE B 74 9.04 16.87 -1.80
CA PHE B 74 8.04 16.25 -0.93
C PHE B 74 6.95 15.48 -1.69
N GLU B 75 6.40 16.08 -2.74
CA GLU B 75 5.35 15.40 -3.51
C GLU B 75 5.81 14.18 -4.32
N GLU B 76 7.05 14.22 -4.79
CA GLU B 76 7.61 13.11 -5.51
C GLU B 76 7.68 11.87 -4.60
N ASP B 77 8.19 12.04 -3.39
CA ASP B 77 8.12 10.99 -2.35
C ASP B 77 6.74 10.44 -2.06
N PHE B 78 5.72 11.30 -2.04
CA PHE B 78 4.38 10.84 -1.72
C PHE B 78 3.88 10.02 -2.90
N ASP B 79 4.24 10.43 -4.10
CA ASP B 79 3.90 9.63 -5.28
C ASP B 79 4.58 8.26 -5.16
N LEU B 80 5.76 8.19 -4.56
CA LEU B 80 6.42 6.88 -4.42
C LEU B 80 5.59 5.94 -3.57
N ILE B 81 5.07 6.45 -2.46
CA ILE B 81 4.26 5.60 -1.55
C ILE B 81 3.05 5.01 -2.31
N ILE B 82 2.32 5.86 -3.02
CA ILE B 82 1.09 5.44 -3.68
C ILE B 82 1.49 4.48 -4.79
N ASP B 83 2.40 4.96 -5.63
CA ASP B 83 2.78 4.27 -6.84
C ASP B 83 3.46 2.90 -6.55
N ASN B 84 4.42 2.89 -5.62
CA ASN B 84 4.99 1.62 -5.20
C ASN B 84 3.89 0.63 -4.83
N CYS B 85 2.97 1.07 -3.96
CA CYS B 85 1.92 0.22 -3.45
C CYS B 85 0.96 -0.23 -4.54
N MET B 86 0.76 0.60 -5.55
CA MET B 86 -0.10 0.24 -6.69
C MET B 86 0.65 -0.65 -7.72
N LYS B 87 1.98 -0.59 -7.70
CA LYS B 87 2.82 -1.45 -8.52
C LYS B 87 2.98 -2.87 -7.93
N TYR B 88 3.27 -2.98 -6.65
CA TYR B 88 3.49 -4.28 -6.05
C TYR B 88 2.23 -5.14 -5.88
N ASN B 89 1.13 -4.56 -5.46
CA ASN B 89 -0.08 -5.34 -5.10
C ASN B 89 -1.05 -5.25 -6.27
N ALA B 90 -1.97 -6.20 -6.42
CA ALA B 90 -2.89 -6.22 -7.58
C ALA B 90 -4.14 -5.34 -7.37
N ARG B 91 -4.89 -5.09 -8.44
CA ARG B 91 -6.14 -4.28 -8.36
C ARG B 91 -7.15 -4.80 -7.34
N ASP B 92 -7.15 -6.12 -7.14
CA ASP B 92 -8.17 -6.82 -6.37
C ASP B 92 -7.95 -6.72 -4.86
N THR B 93 -6.77 -6.24 -4.43
CA THR B 93 -6.39 -6.30 -3.02
C THR B 93 -6.68 -5.04 -2.18
N VAL B 94 -6.50 -5.24 -0.88
CA VAL B 94 -6.76 -4.26 0.16
C VAL B 94 -5.66 -3.21 0.20
N PHE B 95 -4.42 -3.63 -0.01
CA PHE B 95 -3.33 -2.70 -0.11
C PHE B 95 -3.47 -1.77 -1.33
N TYR B 96 -3.93 -2.29 -2.46
CA TYR B 96 -4.08 -1.44 -3.64
C TYR B 96 -5.16 -0.39 -3.37
N ARG B 97 -6.27 -0.82 -2.78
CA ARG B 97 -7.35 0.11 -2.47
C ARG B 97 -6.97 1.24 -1.49
N ALA B 98 -6.11 0.92 -0.52
CA ALA B 98 -5.70 1.85 0.52
C ALA B 98 -4.86 2.94 -0.11
N ALA B 99 -3.99 2.55 -1.04
CA ALA B 99 -3.16 3.47 -1.77
C ALA B 99 -4.03 4.41 -2.60
N VAL B 100 -5.01 3.86 -3.29
CA VAL B 100 -5.95 4.67 -4.05
C VAL B 100 -6.76 5.69 -3.23
N ARG B 101 -7.35 5.29 -2.11
CA ARG B 101 -8.05 6.25 -1.24
C ARG B 101 -7.07 7.30 -0.74
N LEU B 102 -5.82 6.90 -0.51
CA LEU B 102 -4.87 7.82 0.11
C LEU B 102 -4.41 8.80 -0.95
N ARG B 103 -4.33 8.35 -2.20
CA ARG B 103 -4.10 9.25 -3.33
C ARG B 103 -5.25 10.26 -3.49
N ASP B 104 -6.47 9.75 -3.58
CA ASP B 104 -7.65 10.60 -3.79
C ASP B 104 -7.78 11.64 -2.70
N GLN B 105 -7.71 11.20 -1.45
CA GLN B 105 -7.85 12.11 -0.31
C GLN B 105 -6.63 13.03 -0.10
N GLY B 106 -5.48 12.65 -0.62
CA GLY B 106 -4.27 13.43 -0.37
C GLY B 106 -4.04 14.52 -1.38
N GLY B 107 -4.72 14.42 -2.52
CA GLY B 107 -4.57 15.45 -3.54
C GLY B 107 -5.12 16.76 -3.04
N VAL B 108 -6.22 16.68 -2.31
CA VAL B 108 -6.85 17.83 -1.67
C VAL B 108 -5.87 18.59 -0.76
N VAL B 109 -5.12 17.86 0.05
CA VAL B 109 -4.18 18.49 1.01
C VAL B 109 -3.04 19.07 0.25
N LEU B 110 -2.60 18.37 -0.81
CA LEU B 110 -1.41 18.82 -1.56
C LEU B 110 -1.72 20.03 -2.45
N ARG B 111 -2.92 20.06 -3.04
CA ARG B 111 -3.39 21.22 -3.78
C ARG B 111 -3.55 22.41 -2.85
N GLN B 112 -4.12 22.20 -1.68
CA GLN B 112 -4.11 23.25 -0.67
C GLN B 112 -2.70 23.73 -0.33
N ALA B 113 -1.75 22.81 -0.27
CA ALA B 113 -0.38 23.12 0.05
C ALA B 113 0.25 23.97 -1.07
N ARG B 114 -0.09 23.63 -2.31
CA ARG B 114 0.37 24.39 -3.48
C ARG B 114 -0.16 25.85 -3.41
N ARG B 115 -1.47 26.04 -3.12
CA ARG B 115 -2.04 27.42 -2.85
C ARG B 115 -1.21 28.18 -1.78
N GLU B 116 -0.79 27.50 -0.74
CA GLU B 116 -0.26 28.21 0.42
C GLU B 116 1.19 28.58 0.21
N VAL B 117 1.96 27.76 -0.53
CA VAL B 117 3.27 28.18 -1.06
C VAL B 117 3.10 29.45 -1.91
N ASP B 118 2.19 29.42 -2.86
CA ASP B 118 1.87 30.65 -3.63
C ASP B 118 1.55 31.83 -2.74
N SER B 119 0.70 31.61 -1.74
CA SER B 119 0.26 32.70 -0.88
C SER B 119 1.44 33.33 -0.11
N ILE B 120 2.39 32.54 0.38
CA ILE B 120 3.51 33.13 1.12
C ILE B 120 4.40 33.89 0.17
N GLY B 121 4.50 33.40 -1.05
CA GLY B 121 5.14 34.14 -2.15
C GLY B 121 4.54 35.52 -2.41
N LEU B 122 3.24 35.71 -2.15
CA LEU B 122 2.68 37.05 -2.37
C LEU B 122 2.75 37.98 -1.15
N GLU B 123 3.34 37.53 -0.05
CA GLU B 123 3.41 38.36 1.17
C GLU B 123 4.36 39.54 1.08
N GLU B 124 5.35 39.42 0.20
CA GLU B 124 6.42 40.40 0.15
C GLU B 124 5.87 41.83 0.29
N ALA B 125 4.79 42.15 -0.44
CA ALA B 125 4.30 43.52 -0.48
C ALA B 125 3.89 44.04 0.90
N SER B 126 3.21 43.21 1.68
CA SER B 126 2.89 43.57 3.07
C SER B 126 4.12 43.96 3.94
N GLY B 127 5.31 43.44 3.61
CA GLY B 127 6.54 43.82 4.32
C GLY B 127 7.04 45.21 3.96
N THR C 12 33.38 35.54 -18.63
CA THR C 12 33.75 35.69 -20.08
C THR C 12 34.23 37.11 -20.36
N PRO C 13 35.02 37.30 -21.43
CA PRO C 13 35.50 38.67 -21.69
C PRO C 13 34.45 39.61 -22.33
N LEU C 14 33.50 39.07 -23.10
CA LEU C 14 32.35 39.87 -23.57
C LEU C 14 31.66 40.62 -22.43
N THR C 15 31.37 39.91 -21.37
CA THR C 15 30.56 40.41 -20.29
C THR C 15 31.29 41.51 -19.48
N VAL C 16 32.59 41.37 -19.30
CA VAL C 16 33.34 42.41 -18.60
C VAL C 16 33.40 43.61 -19.51
N LEU C 17 33.50 43.36 -20.81
CA LEU C 17 33.50 44.45 -21.76
C LEU C 17 32.19 45.19 -21.77
N LEU C 18 31.09 44.49 -22.04
CA LEU C 18 29.77 45.14 -22.10
C LEU C 18 29.36 45.86 -20.81
N ARG C 19 29.84 45.36 -19.65
CA ARG C 19 29.54 46.02 -18.39
C ARG C 19 30.11 47.40 -18.35
N SER C 20 31.33 47.57 -18.81
CA SER C 20 31.93 48.88 -18.75
C SER C 20 31.30 49.76 -19.83
N VAL C 21 31.10 49.21 -21.02
CA VAL C 21 30.40 49.93 -22.09
C VAL C 21 29.09 50.49 -21.56
N LEU C 22 28.31 49.66 -20.87
CA LEU C 22 27.00 50.10 -20.40
C LEU C 22 27.16 51.17 -19.31
N ASP C 23 28.09 50.98 -18.38
CA ASP C 23 28.36 52.04 -17.41
C ASP C 23 28.61 53.36 -18.17
N GLN C 24 29.46 53.31 -19.20
CA GLN C 24 29.80 54.52 -19.96
C GLN C 24 28.62 55.09 -20.79
N LEU C 25 27.70 54.26 -21.29
CA LEU C 25 26.55 54.85 -21.98
C LEU C 25 25.71 55.62 -20.97
N GLN C 26 25.59 55.08 -19.75
CA GLN C 26 24.77 55.74 -18.73
C GLN C 26 25.40 57.04 -18.26
N ASP C 27 26.73 57.08 -18.18
CA ASP C 27 27.45 58.31 -17.85
C ASP C 27 27.16 59.40 -18.87
N LYS C 28 26.74 59.07 -20.11
CA LYS C 28 26.32 60.11 -21.07
C LYS C 28 24.87 60.52 -20.90
N ASP C 29 24.18 59.96 -19.90
CA ASP C 29 22.79 60.32 -19.60
C ASP C 29 22.61 60.62 -18.12
N PRO C 30 23.34 61.64 -17.58
CA PRO C 30 23.20 61.96 -16.15
C PRO C 30 21.83 62.52 -15.79
N ALA C 31 21.08 62.99 -16.79
CA ALA C 31 19.68 63.28 -16.57
C ALA C 31 18.87 62.04 -16.12
N ARG C 32 19.43 60.84 -16.30
CA ARG C 32 18.73 59.58 -16.08
C ARG C 32 17.42 59.51 -16.87
N ILE C 33 17.37 60.09 -18.04
CA ILE C 33 16.17 60.01 -18.89
C ILE C 33 15.99 58.61 -19.44
N PHE C 34 17.07 57.86 -19.64
CA PHE C 34 16.92 56.54 -20.28
C PHE C 34 17.28 55.41 -19.34
N ALA C 35 17.48 55.77 -18.06
CA ALA C 35 17.90 54.84 -17.01
C ALA C 35 16.92 53.73 -16.68
N GLN C 36 15.62 54.05 -16.71
CA GLN C 36 14.57 53.12 -16.31
C GLN C 36 13.44 53.17 -17.35
N PRO C 37 12.58 52.13 -17.38
CA PRO C 37 11.52 52.22 -18.38
C PRO C 37 10.70 53.51 -18.24
N VAL C 38 10.14 53.91 -19.37
CA VAL C 38 9.35 55.11 -19.45
C VAL C 38 8.09 54.81 -18.64
N SER C 39 7.71 55.72 -17.76
CA SER C 39 6.59 55.52 -16.87
C SER C 39 5.28 56.08 -17.46
N LEU C 40 4.20 55.31 -17.35
CA LEU C 40 2.90 55.75 -17.84
C LEU C 40 2.22 56.67 -16.82
N LYS C 41 2.76 56.78 -15.62
CA LYS C 41 2.39 57.87 -14.74
C LYS C 41 2.73 59.21 -15.44
N GLU C 42 3.91 59.28 -16.07
CA GLU C 42 4.38 60.50 -16.75
C GLU C 42 3.89 60.60 -18.20
N VAL C 43 3.67 59.46 -18.86
CA VAL C 43 3.41 59.44 -20.30
C VAL C 43 2.38 58.38 -20.64
N PRO C 44 1.09 58.63 -20.32
CA PRO C 44 0.04 57.59 -20.33
C PRO C 44 -0.17 56.79 -21.62
N ASP C 45 -0.06 57.41 -22.79
CA ASP C 45 -0.22 56.67 -24.05
C ASP C 45 1.07 56.01 -24.62
N TYR C 46 2.15 55.98 -23.84
CA TYR C 46 3.45 55.54 -24.36
C TYR C 46 3.46 54.19 -25.08
N LEU C 47 2.87 53.15 -24.48
CA LEU C 47 2.90 51.79 -25.06
C LEU C 47 1.81 51.54 -26.10
N ASP C 48 0.94 52.51 -26.29
CA ASP C 48 -0.01 52.45 -27.38
C ASP C 48 0.74 52.68 -28.71
N HIS C 49 1.84 53.43 -28.63
CA HIS C 49 2.69 53.84 -29.76
C HIS C 49 4.03 53.07 -29.88
N ILE C 50 4.73 52.82 -28.77
CA ILE C 50 6.01 52.07 -28.79
C ILE C 50 5.84 50.59 -28.45
N LYS C 51 6.22 49.75 -29.39
CA LYS C 51 5.92 48.35 -29.36
C LYS C 51 6.97 47.56 -28.56
N HIS C 52 8.23 47.99 -28.64
CA HIS C 52 9.33 47.30 -27.98
C HIS C 52 10.13 48.30 -27.17
N PRO C 53 9.60 48.69 -26.00
CA PRO C 53 10.29 49.65 -25.14
C PRO C 53 11.61 49.09 -24.64
N MET C 54 12.50 50.00 -24.24
CA MET C 54 13.82 49.61 -23.85
C MET C 54 14.44 50.75 -23.04
N ASP C 55 15.33 50.40 -22.13
CA ASP C 55 16.01 51.42 -21.27
C ASP C 55 17.29 50.81 -20.77
N PHE C 56 18.09 51.59 -20.02
CA PHE C 56 19.35 51.03 -19.55
C PHE C 56 19.22 49.91 -18.52
N ALA C 57 18.26 50.02 -17.62
CA ALA C 57 18.07 49.02 -16.58
C ALA C 57 17.70 47.67 -17.20
N THR C 58 16.82 47.68 -18.19
CA THR C 58 16.53 46.45 -18.94
C THR C 58 17.73 45.86 -19.69
N MET C 59 18.59 46.70 -20.23
CA MET C 59 19.80 46.23 -20.88
C MET C 59 20.67 45.59 -19.81
N ARG C 60 20.81 46.26 -18.69
CA ARG C 60 21.59 45.71 -17.58
C ARG C 60 21.10 44.33 -17.13
N LYS C 61 19.81 44.09 -17.22
CA LYS C 61 19.24 42.86 -16.73
C LYS C 61 19.63 41.72 -17.66
N ARG C 62 19.37 41.91 -18.94
CA ARG C 62 19.90 41.04 -19.98
C ARG C 62 21.43 40.86 -19.89
N LEU C 63 22.18 41.91 -19.61
CA LEU C 63 23.61 41.73 -19.54
C LEU C 63 23.93 40.72 -18.41
N GLU C 64 23.26 40.86 -17.28
CA GLU C 64 23.52 40.00 -16.13
C GLU C 64 23.07 38.56 -16.37
N ALA C 65 22.03 38.35 -17.18
CA ALA C 65 21.60 36.99 -17.53
C ALA C 65 22.37 36.37 -18.72
N GLN C 66 23.57 36.85 -18.99
CA GLN C 66 24.35 36.38 -20.14
C GLN C 66 23.52 36.38 -21.44
N GLY C 67 22.63 37.37 -21.55
CA GLY C 67 21.68 37.46 -22.68
C GLY C 67 22.17 38.14 -23.97
N TYR C 68 23.36 38.73 -23.97
CA TYR C 68 23.93 39.28 -25.22
C TYR C 68 24.97 38.33 -25.83
N LYS C 69 24.69 37.85 -27.04
CA LYS C 69 25.57 36.89 -27.71
C LYS C 69 26.83 37.57 -28.24
N ASN C 70 26.68 38.79 -28.76
CA ASN C 70 27.79 39.58 -29.30
C ASN C 70 27.56 41.09 -29.07
N LEU C 71 28.52 41.92 -29.41
CA LEU C 71 28.39 43.37 -29.22
C LEU C 71 27.22 43.88 -30.08
N HIS C 72 27.14 43.39 -31.31
CA HIS C 72 26.06 43.83 -32.19
C HIS C 72 24.63 43.69 -31.54
N GLU C 73 24.41 42.60 -30.80
CA GLU C 73 23.11 42.44 -30.09
C GLU C 73 22.94 43.52 -29.03
N PHE C 74 24.04 43.91 -28.40
CA PHE C 74 24.04 44.98 -27.41
C PHE C 74 23.72 46.32 -28.04
N GLU C 75 24.42 46.70 -29.14
CA GLU C 75 24.10 47.94 -29.93
C GLU C 75 22.61 48.01 -30.32
N GLU C 76 22.10 46.88 -30.77
CA GLU C 76 20.71 46.77 -31.18
C GLU C 76 19.79 47.32 -30.10
N ASP C 77 20.06 46.97 -28.84
CA ASP C 77 19.20 47.41 -27.75
C ASP C 77 19.41 48.89 -27.48
N PHE C 78 20.65 49.33 -27.53
CA PHE C 78 20.93 50.74 -27.40
C PHE C 78 20.20 51.56 -28.49
N ASP C 79 20.16 51.09 -29.74
CA ASP C 79 19.51 51.86 -30.82
C ASP C 79 18.00 51.88 -30.60
N LEU C 80 17.44 50.81 -30.05
CA LEU C 80 16.05 50.89 -29.59
C LEU C 80 15.78 52.03 -28.63
N ILE C 81 16.69 52.28 -27.69
CA ILE C 81 16.42 53.32 -26.73
C ILE C 81 16.29 54.59 -27.51
N ILE C 82 17.20 54.84 -28.44
CA ILE C 82 17.22 56.09 -29.21
C ILE C 82 16.01 56.20 -30.17
N ASP C 83 15.74 55.13 -30.89
CA ASP C 83 14.67 55.09 -31.93
C ASP C 83 13.26 55.20 -31.36
N ASN C 84 13.03 54.61 -30.19
CA ASN C 84 11.73 54.75 -29.53
C ASN C 84 11.60 56.19 -29.09
N CYS C 85 12.62 56.73 -28.42
CA CYS C 85 12.49 58.11 -28.00
C CYS C 85 12.25 59.10 -29.15
N MET C 86 12.80 58.79 -30.34
CA MET C 86 12.67 59.67 -31.49
C MET C 86 11.32 59.50 -32.15
N LYS C 87 10.88 58.26 -32.27
CA LYS C 87 9.56 57.99 -32.79
C LYS C 87 8.45 58.57 -31.91
N TYR C 88 8.56 58.43 -30.60
CA TYR C 88 7.47 58.85 -29.73
C TYR C 88 7.34 60.36 -29.58
N ASN C 89 8.43 61.04 -29.27
CA ASN C 89 8.40 62.48 -28.98
C ASN C 89 8.47 63.35 -30.22
N ALA C 90 7.83 64.53 -30.14
CA ALA C 90 7.93 65.55 -31.16
C ALA C 90 9.38 66.05 -31.33
N ARG C 91 9.71 66.47 -32.55
CA ARG C 91 11.08 66.88 -32.92
C ARG C 91 11.61 68.02 -32.05
N ASP C 92 10.72 68.91 -31.64
CA ASP C 92 11.12 70.12 -30.89
C ASP C 92 11.37 69.91 -29.38
N THR C 93 11.16 68.70 -28.85
CA THR C 93 11.22 68.51 -27.39
C THR C 93 12.61 68.16 -26.88
N VAL C 94 12.74 68.34 -25.57
CA VAL C 94 13.95 68.06 -24.83
C VAL C 94 14.33 66.58 -24.95
N PHE C 95 13.37 65.67 -24.89
CA PHE C 95 13.69 64.26 -24.97
C PHE C 95 14.28 63.90 -26.32
N TYR C 96 13.60 64.30 -27.39
CA TYR C 96 14.04 64.00 -28.77
C TYR C 96 15.51 64.38 -28.97
N ARG C 97 15.85 65.58 -28.53
CA ARG C 97 17.21 66.12 -28.65
CA ARG C 97 17.21 66.08 -28.69
C ARG C 97 18.18 65.36 -27.76
N ALA C 98 17.70 64.92 -26.59
CA ALA C 98 18.51 64.13 -25.69
C ALA C 98 18.88 62.84 -26.40
N ALA C 99 17.90 62.21 -27.08
CA ALA C 99 18.17 60.99 -27.76
C ALA C 99 19.18 61.22 -28.85
N VAL C 100 19.07 62.34 -29.57
CA VAL C 100 19.96 62.57 -30.71
C VAL C 100 21.40 62.66 -30.23
N ARG C 101 21.61 63.36 -29.11
CA ARG C 101 22.95 63.57 -28.58
C ARG C 101 23.51 62.29 -27.94
N LEU C 102 22.64 61.44 -27.41
CA LEU C 102 23.10 60.22 -26.76
C LEU C 102 23.50 59.22 -27.84
N ARG C 103 22.80 59.24 -28.97
CA ARG C 103 23.20 58.45 -30.13
C ARG C 103 24.61 58.83 -30.58
N ASP C 104 24.90 60.14 -30.56
CA ASP C 104 26.23 60.64 -30.94
C ASP C 104 27.30 60.27 -29.91
N GLN C 105 27.04 60.54 -28.63
CA GLN C 105 28.06 60.28 -27.60
C GLN C 105 28.23 58.79 -27.33
N GLY C 106 27.16 58.06 -27.51
CA GLY C 106 27.18 56.63 -27.30
C GLY C 106 27.89 55.92 -28.43
N GLY C 107 27.67 56.41 -29.66
CA GLY C 107 28.38 55.93 -30.84
C GLY C 107 29.89 55.92 -30.65
N VAL C 108 30.44 56.94 -30.02
CA VAL C 108 31.88 56.99 -29.74
C VAL C 108 32.30 55.80 -28.89
N VAL C 109 31.51 55.53 -27.86
CA VAL C 109 31.76 54.44 -26.95
C VAL C 109 31.64 53.04 -27.63
N LEU C 110 30.59 52.87 -28.41
CA LEU C 110 30.35 51.61 -29.10
C LEU C 110 31.45 51.35 -30.13
N ARG C 111 31.77 52.35 -30.96
CA ARG C 111 32.90 52.23 -31.89
C ARG C 111 34.18 51.84 -31.16
N GLN C 112 34.45 52.47 -30.03
CA GLN C 112 35.62 52.11 -29.27
C GLN C 112 35.52 50.66 -28.75
N ALA C 113 34.34 50.26 -28.33
CA ALA C 113 34.16 48.89 -27.90
C ALA C 113 34.53 47.93 -29.06
N ARG C 114 34.03 48.25 -30.24
CA ARG C 114 34.31 47.47 -31.44
C ARG C 114 35.82 47.26 -31.62
N ARG C 115 36.61 48.27 -31.27
CA ARG C 115 38.04 48.21 -31.48
C ARG C 115 38.70 47.24 -30.51
N GLU C 116 38.16 47.20 -29.29
CA GLU C 116 38.58 46.26 -28.30
C GLU C 116 38.21 44.82 -28.73
N VAL C 117 36.97 44.59 -29.14
CA VAL C 117 36.59 43.28 -29.69
C VAL C 117 37.50 42.86 -30.85
N ASP C 118 37.82 43.79 -31.75
CA ASP C 118 38.76 43.50 -32.83
C ASP C 118 40.06 42.94 -32.25
N SER C 119 40.57 43.58 -31.20
CA SER C 119 41.84 43.19 -30.62
C SER C 119 41.74 41.86 -29.87
N ILE C 120 40.70 41.74 -29.04
CA ILE C 120 40.48 40.55 -28.22
C ILE C 120 40.28 39.34 -29.09
N GLY C 121 39.56 39.51 -30.20
CA GLY C 121 39.26 38.40 -31.11
C GLY C 121 40.42 37.96 -32.00
N LEU C 122 41.58 38.58 -31.84
CA LEU C 122 42.77 38.25 -32.63
C LEU C 122 43.56 37.13 -31.94
N LEU D 11 41.67 -25.11 -6.80
CA LEU D 11 41.59 -25.02 -5.29
C LEU D 11 41.36 -23.58 -4.80
N THR D 12 42.43 -22.79 -4.68
CA THR D 12 42.29 -21.34 -4.43
C THR D 12 41.37 -20.68 -5.47
N PRO D 13 41.43 -21.12 -6.75
CA PRO D 13 40.45 -20.62 -7.72
C PRO D 13 39.00 -21.03 -7.45
N LEU D 14 38.77 -22.26 -6.95
CA LEU D 14 37.42 -22.61 -6.49
C LEU D 14 37.02 -21.67 -5.36
N THR D 15 37.89 -21.50 -4.36
CA THR D 15 37.56 -20.65 -3.23
C THR D 15 37.08 -19.29 -3.72
N VAL D 16 37.78 -18.68 -4.66
CA VAL D 16 37.45 -17.33 -5.11
C VAL D 16 36.10 -17.32 -5.83
N LEU D 17 35.86 -18.34 -6.64
CA LEU D 17 34.63 -18.41 -7.36
C LEU D 17 33.43 -18.59 -6.41
N LEU D 18 33.55 -19.47 -5.43
CA LEU D 18 32.41 -19.70 -4.56
C LEU D 18 32.10 -18.49 -3.69
N ARG D 19 33.14 -17.77 -3.23
CA ARG D 19 32.90 -16.52 -2.52
C ARG D 19 31.92 -15.68 -3.31
N SER D 20 32.20 -15.51 -4.59
CA SER D 20 31.37 -14.67 -5.47
C SER D 20 29.99 -15.26 -5.68
N VAL D 21 29.91 -16.57 -5.89
CA VAL D 21 28.59 -17.24 -5.99
C VAL D 21 27.82 -17.02 -4.67
N LEU D 22 28.51 -17.08 -3.53
CA LEU D 22 27.82 -17.04 -2.24
C LEU D 22 27.27 -15.64 -2.05
N ASP D 23 28.12 -14.66 -2.34
CA ASP D 23 27.72 -13.26 -2.33
C ASP D 23 26.52 -12.98 -3.20
N GLN D 24 26.49 -13.54 -4.41
CA GLN D 24 25.37 -13.28 -5.32
C GLN D 24 24.13 -14.00 -4.84
N LEU D 25 24.35 -15.04 -4.05
CA LEU D 25 23.23 -15.83 -3.53
C LEU D 25 22.62 -15.04 -2.41
N GLN D 26 23.46 -14.56 -1.49
CA GLN D 26 22.95 -13.71 -0.39
C GLN D 26 22.21 -12.49 -0.87
N ASP D 27 22.64 -11.92 -2.02
CA ASP D 27 22.03 -10.71 -2.60
C ASP D 27 20.64 -10.98 -3.15
N LYS D 28 20.30 -12.24 -3.35
CA LYS D 28 18.94 -12.56 -3.71
C LYS D 28 18.03 -12.78 -2.47
N ASP D 29 18.61 -12.68 -1.27
CA ASP D 29 17.85 -12.79 -0.02
C ASP D 29 18.13 -11.54 0.83
N PRO D 30 17.65 -10.37 0.34
CA PRO D 30 17.83 -9.11 1.08
C PRO D 30 17.02 -9.05 2.39
N ALA D 31 16.01 -9.88 2.49
CA ALA D 31 15.25 -10.04 3.73
C ALA D 31 16.07 -10.73 4.85
N ARG D 32 17.24 -11.27 4.51
CA ARG D 32 18.09 -12.00 5.44
C ARG D 32 17.35 -13.15 6.13
N ILE D 33 16.42 -13.79 5.43
CA ILE D 33 15.72 -14.95 5.96
C ILE D 33 16.67 -16.16 6.09
N PHE D 34 17.67 -16.25 5.23
CA PHE D 34 18.51 -17.40 5.25
C PHE D 34 19.97 -17.06 5.62
N ALA D 35 20.16 -15.85 6.14
CA ALA D 35 21.50 -15.34 6.41
C ALA D 35 22.13 -16.07 7.57
N GLN D 36 21.31 -16.36 8.57
CA GLN D 36 21.81 -16.95 9.83
C GLN D 36 20.99 -18.17 10.18
N PRO D 37 21.53 -19.02 11.07
CA PRO D 37 20.77 -20.25 11.42
C PRO D 37 19.39 -19.92 12.03
N VAL D 38 18.38 -20.75 11.74
CA VAL D 38 17.05 -20.57 12.29
C VAL D 38 17.17 -20.50 13.83
N SER D 39 16.55 -19.52 14.46
CA SER D 39 16.67 -19.44 15.92
C SER D 39 15.91 -20.60 16.60
N LEU D 40 16.60 -21.40 17.40
CA LEU D 40 15.93 -22.50 18.11
C LEU D 40 15.05 -21.98 19.28
N LYS D 41 15.34 -20.78 19.77
CA LYS D 41 14.56 -20.14 20.80
C LYS D 41 13.25 -19.64 20.17
N GLU D 42 13.33 -19.17 18.93
CA GLU D 42 12.13 -18.71 18.22
C GLU D 42 11.35 -19.88 17.71
N VAL D 43 12.03 -20.97 17.35
CA VAL D 43 11.37 -22.14 16.78
C VAL D 43 11.89 -23.40 17.47
N PRO D 44 11.45 -23.66 18.71
CA PRO D 44 11.97 -24.79 19.47
C PRO D 44 11.69 -26.18 18.94
N ASP D 45 10.72 -26.38 18.06
CA ASP D 45 10.53 -27.72 17.47
C ASP D 45 11.28 -27.92 16.13
N TYR D 46 12.19 -27.00 15.79
CA TYR D 46 12.82 -27.09 14.46
C TYR D 46 13.41 -28.47 14.23
N LEU D 47 14.13 -28.98 15.23
CA LEU D 47 14.81 -30.27 15.10
C LEU D 47 13.91 -31.51 15.07
N ASP D 48 12.63 -31.36 15.45
CA ASP D 48 11.68 -32.45 15.22
C ASP D 48 11.39 -32.62 13.73
N HIS D 49 11.62 -31.60 12.92
CA HIS D 49 11.34 -31.69 11.48
C HIS D 49 12.58 -31.65 10.62
N ILE D 50 13.61 -30.91 11.04
CA ILE D 50 14.81 -30.77 10.23
C ILE D 50 16.05 -31.48 10.80
N LYS D 51 16.60 -32.38 10.01
CA LYS D 51 17.76 -33.18 10.45
C LYS D 51 19.08 -32.37 10.38
N HIS D 52 19.29 -31.61 9.28
CA HIS D 52 20.55 -30.92 9.04
C HIS D 52 20.31 -29.47 8.65
N PRO D 53 20.21 -28.57 9.66
CA PRO D 53 20.00 -27.16 9.41
C PRO D 53 21.15 -26.53 8.65
N MET D 54 20.83 -25.66 7.71
CA MET D 54 21.85 -24.89 6.99
C MET D 54 21.41 -23.45 6.75
N ASP D 55 22.38 -22.57 6.57
CA ASP D 55 22.15 -21.14 6.31
C ASP D 55 23.42 -20.58 5.65
N PHE D 56 23.37 -19.33 5.22
CA PHE D 56 24.51 -18.77 4.48
C PHE D 56 25.74 -18.49 5.36
N ALA D 57 25.56 -18.11 6.62
CA ALA D 57 26.73 -17.89 7.49
C ALA D 57 27.51 -19.19 7.68
N THR D 58 26.80 -20.29 7.88
CA THR D 58 27.48 -21.59 8.05
C THR D 58 28.21 -22.05 6.76
N MET D 59 27.59 -21.81 5.60
CA MET D 59 28.22 -22.04 4.29
C MET D 59 29.41 -21.11 4.08
N ARG D 60 29.28 -19.86 4.49
CA ARG D 60 30.44 -18.92 4.46
C ARG D 60 31.59 -19.49 5.27
N LYS D 61 31.30 -19.91 6.50
CA LYS D 61 32.34 -20.35 7.46
C LYS D 61 33.12 -21.54 6.91
N ARG D 62 32.38 -22.56 6.53
CA ARG D 62 32.91 -23.73 5.89
C ARG D 62 33.75 -23.39 4.63
N LEU D 63 33.31 -22.42 3.84
CA LEU D 63 34.02 -21.99 2.63
C LEU D 63 35.35 -21.29 2.97
N GLU D 64 35.37 -20.48 4.03
CA GLU D 64 36.62 -19.84 4.43
C GLU D 64 37.59 -20.80 5.17
N ALA D 65 37.16 -22.02 5.44
CA ALA D 65 38.06 -23.08 5.90
C ALA D 65 38.25 -24.14 4.81
N GLN D 66 38.15 -23.72 3.55
CA GLN D 66 38.33 -24.62 2.39
C GLN D 66 37.64 -25.99 2.53
N GLY D 67 36.39 -25.95 2.95
CA GLY D 67 35.62 -27.16 3.22
C GLY D 67 34.73 -27.66 2.07
N TYR D 68 34.75 -26.95 0.95
CA TYR D 68 34.01 -27.35 -0.24
C TYR D 68 35.07 -27.74 -1.23
N LYS D 69 35.10 -29.01 -1.60
CA LYS D 69 36.15 -29.46 -2.46
C LYS D 69 35.70 -29.40 -3.92
N ASN D 70 34.42 -29.06 -4.14
CA ASN D 70 33.95 -28.70 -5.48
C ASN D 70 32.58 -27.97 -5.50
N LEU D 71 32.19 -27.51 -6.68
CA LEU D 71 30.94 -26.79 -6.86
C LEU D 71 29.72 -27.58 -6.38
N HIS D 72 29.70 -28.87 -6.69
CA HIS D 72 28.59 -29.70 -6.32
C HIS D 72 28.40 -29.77 -4.79
N GLU D 73 29.50 -29.76 -4.03
CA GLU D 73 29.37 -29.85 -2.58
C GLU D 73 28.72 -28.57 -2.04
N PHE D 74 29.13 -27.46 -2.61
CA PHE D 74 28.51 -26.16 -2.30
C PHE D 74 27.03 -26.21 -2.66
N GLU D 75 26.70 -26.71 -3.85
CA GLU D 75 25.30 -26.75 -4.30
C GLU D 75 24.47 -27.55 -3.34
N GLU D 76 25.08 -28.62 -2.81
CA GLU D 76 24.39 -29.50 -1.84
C GLU D 76 23.96 -28.75 -0.58
N ASP D 77 24.78 -27.81 -0.14
CA ASP D 77 24.42 -27.06 1.04
C ASP D 77 23.28 -26.10 0.70
N PHE D 78 23.35 -25.48 -0.47
CA PHE D 78 22.36 -24.52 -0.87
C PHE D 78 21.01 -25.20 -0.94
N ASP D 79 20.96 -26.38 -1.54
CA ASP D 79 19.70 -27.12 -1.63
C ASP D 79 19.17 -27.44 -0.24
N LEU D 80 20.08 -27.78 0.66
CA LEU D 80 19.70 -28.04 2.05
C LEU D 80 18.95 -26.83 2.60
N ILE D 81 19.44 -25.63 2.35
CA ILE D 81 18.75 -24.42 2.82
C ILE D 81 17.35 -24.36 2.22
N ILE D 82 17.26 -24.59 0.94
CA ILE D 82 15.95 -24.51 0.29
C ILE D 82 15.05 -25.57 0.90
N ASP D 83 15.52 -26.81 0.90
CA ASP D 83 14.66 -27.95 1.32
C ASP D 83 14.22 -27.87 2.80
N ASN D 84 15.16 -27.62 3.70
CA ASN D 84 14.79 -27.46 5.10
C ASN D 84 13.61 -26.49 5.20
N CYS D 85 13.70 -25.38 4.47
CA CYS D 85 12.66 -24.35 4.53
C CYS D 85 11.36 -24.80 3.90
N MET D 86 11.48 -25.49 2.78
CA MET D 86 10.30 -26.03 2.09
C MET D 86 9.64 -27.16 2.90
N LYS D 87 10.39 -27.79 3.81
CA LYS D 87 9.88 -28.87 4.63
C LYS D 87 9.28 -28.30 5.92
N TYR D 88 9.95 -27.35 6.57
CA TYR D 88 9.39 -26.83 7.79
C TYR D 88 8.06 -26.17 7.52
N ASN D 89 7.99 -25.30 6.50
CA ASN D 89 6.85 -24.38 6.34
C ASN D 89 5.77 -24.84 5.36
N ALA D 90 4.53 -24.50 5.65
CA ALA D 90 3.44 -24.82 4.74
C ALA D 90 3.53 -24.05 3.39
N ARG D 91 2.84 -24.56 2.39
CA ARG D 91 2.87 -24.04 1.02
C ARG D 91 2.47 -22.58 0.91
N ASP D 92 1.45 -22.19 1.65
CA ASP D 92 0.89 -20.82 1.62
C ASP D 92 1.55 -19.87 2.64
N THR D 93 2.88 -19.94 2.78
CA THR D 93 3.57 -19.03 3.71
C THR D 93 4.64 -18.22 3.02
N VAL D 94 4.97 -17.08 3.63
CA VAL D 94 5.95 -16.13 3.11
C VAL D 94 7.28 -16.85 2.89
N PHE D 95 7.68 -17.59 3.91
CA PHE D 95 8.93 -18.35 3.89
C PHE D 95 8.98 -19.49 2.87
N TYR D 96 7.88 -20.23 2.66
CA TYR D 96 7.91 -21.26 1.61
C TYR D 96 8.17 -20.55 0.30
N ARG D 97 7.34 -19.56 -0.05
CA ARG D 97 7.43 -18.89 -1.36
C ARG D 97 8.79 -18.21 -1.58
N ALA D 98 9.36 -17.71 -0.49
CA ALA D 98 10.66 -17.10 -0.49
C ALA D 98 11.71 -18.13 -0.89
N ALA D 99 11.58 -19.33 -0.33
CA ALA D 99 12.52 -20.40 -0.62
C ALA D 99 12.38 -20.90 -2.06
N VAL D 100 11.16 -20.89 -2.60
CA VAL D 100 10.98 -21.28 -3.98
C VAL D 100 11.66 -20.27 -4.90
N ARG D 101 11.60 -18.99 -4.55
CA ARG D 101 12.15 -17.96 -5.44
C ARG D 101 13.67 -17.94 -5.33
N LEU D 102 14.18 -18.24 -4.15
CA LEU D 102 15.64 -18.38 -4.00
C LEU D 102 16.16 -19.60 -4.74
N ARG D 103 15.39 -20.68 -4.77
CA ARG D 103 15.76 -21.81 -5.63
C ARG D 103 15.91 -21.37 -7.10
N ASP D 104 14.98 -20.57 -7.60
CA ASP D 104 14.89 -20.30 -9.04
C ASP D 104 15.99 -19.32 -9.44
N GLN D 105 16.15 -18.30 -8.60
CA GLN D 105 17.18 -17.27 -8.82
C GLN D 105 18.56 -17.80 -8.47
N GLY D 106 18.69 -18.50 -7.35
CA GLY D 106 19.93 -19.17 -7.03
C GLY D 106 20.35 -20.17 -8.10
N GLY D 107 19.40 -20.92 -8.68
CA GLY D 107 19.79 -21.92 -9.68
C GLY D 107 20.58 -21.29 -10.80
N VAL D 108 20.10 -20.13 -11.29
CA VAL D 108 20.79 -19.47 -12.42
C VAL D 108 22.18 -19.06 -12.03
N VAL D 109 22.39 -18.64 -10.78
CA VAL D 109 23.72 -18.28 -10.33
C VAL D 109 24.57 -19.55 -10.43
N LEU D 110 23.99 -20.68 -10.04
CA LEU D 110 24.78 -21.89 -9.93
C LEU D 110 25.06 -22.47 -11.31
N ARG D 111 24.13 -22.37 -12.25
CA ARG D 111 24.39 -22.81 -13.61
C ARG D 111 25.50 -21.96 -14.25
N GLN D 112 25.53 -20.68 -13.91
CA GLN D 112 26.58 -19.83 -14.43
C GLN D 112 27.89 -20.24 -13.79
N ALA D 113 27.87 -20.64 -12.52
CA ALA D 113 29.12 -21.09 -11.85
C ALA D 113 29.64 -22.35 -12.57
N ARG D 114 28.73 -23.20 -13.01
CA ARG D 114 29.09 -24.43 -13.70
C ARG D 114 29.80 -24.09 -15.02
N ARG D 115 29.23 -23.17 -15.81
CA ARG D 115 29.87 -22.72 -17.06
C ARG D 115 31.30 -22.21 -16.79
N GLU D 116 31.51 -21.46 -15.72
CA GLU D 116 32.88 -21.02 -15.43
C GLU D 116 33.72 -22.22 -15.09
N VAL D 117 33.18 -23.16 -14.33
CA VAL D 117 33.95 -24.35 -13.99
C VAL D 117 34.27 -25.12 -15.27
N ASP D 118 33.31 -25.18 -16.23
CA ASP D 118 33.51 -25.90 -17.47
C ASP D 118 34.79 -25.42 -18.15
N SER D 119 35.00 -24.11 -18.13
CA SER D 119 36.09 -23.47 -18.90
C SER D 119 37.42 -23.43 -18.15
N ILE D 120 37.37 -23.20 -16.83
CA ILE D 120 38.56 -23.34 -15.95
C ILE D 120 39.09 -24.78 -16.00
N GLY D 121 38.18 -25.73 -15.95
CA GLY D 121 38.51 -27.14 -16.16
C GLY D 121 39.30 -27.38 -17.43
N LEU D 122 38.99 -26.64 -18.50
CA LEU D 122 39.82 -26.66 -19.70
C LEU D 122 41.17 -26.01 -19.40
N ARG E 10 -11.25 -58.59 8.05
CA ARG E 10 -12.26 -58.29 9.10
C ARG E 10 -13.55 -57.69 8.52
N LEU E 11 -13.88 -58.05 7.26
CA LEU E 11 -14.89 -57.35 6.44
C LEU E 11 -16.14 -58.20 6.14
N THR E 12 -17.33 -57.77 6.59
CA THR E 12 -18.53 -58.59 6.37
C THR E 12 -19.05 -58.49 4.95
N PRO E 13 -19.91 -59.44 4.54
CA PRO E 13 -20.51 -59.33 3.22
C PRO E 13 -21.34 -58.04 3.00
N LEU E 14 -21.88 -57.45 4.05
CA LEU E 14 -22.70 -56.26 3.91
C LEU E 14 -21.77 -55.11 3.60
N THR E 15 -20.67 -55.06 4.35
CA THR E 15 -19.76 -53.96 4.25
C THR E 15 -19.16 -53.89 2.84
N VAL E 16 -18.72 -55.02 2.31
CA VAL E 16 -18.17 -55.07 0.97
C VAL E 16 -19.20 -54.57 -0.03
N LEU E 17 -20.45 -54.92 0.18
CA LEU E 17 -21.51 -54.50 -0.73
C LEU E 17 -21.78 -52.99 -0.60
N LEU E 18 -21.72 -52.45 0.63
CA LEU E 18 -22.11 -51.06 0.85
C LEU E 18 -20.99 -50.19 0.34
N ARG E 19 -19.77 -50.70 0.48
CA ARG E 19 -18.60 -50.01 0.03
C ARG E 19 -18.61 -49.83 -1.51
N SER E 20 -18.81 -50.94 -2.20
CA SER E 20 -18.99 -50.86 -3.62
C SER E 20 -20.09 -49.87 -3.98
N VAL E 21 -21.19 -49.87 -3.23
CA VAL E 21 -22.30 -48.94 -3.50
C VAL E 21 -21.84 -47.49 -3.29
N LEU E 22 -21.11 -47.26 -2.20
CA LEU E 22 -20.63 -45.93 -1.88
C LEU E 22 -19.68 -45.36 -2.96
N ASP E 23 -18.75 -46.18 -3.44
CA ASP E 23 -17.82 -45.74 -4.51
C ASP E 23 -18.55 -45.42 -5.84
N GLN E 24 -19.47 -46.29 -6.24
CA GLN E 24 -20.30 -46.10 -7.42
C GLN E 24 -21.16 -44.84 -7.34
N LEU E 25 -21.74 -44.58 -6.16
CA LEU E 25 -22.47 -43.34 -5.91
C LEU E 25 -21.57 -42.13 -6.01
N GLN E 26 -20.39 -42.16 -5.40
CA GLN E 26 -19.43 -41.06 -5.52
C GLN E 26 -18.91 -40.92 -6.97
N ASP E 27 -18.99 -41.98 -7.77
CA ASP E 27 -18.48 -41.92 -9.14
C ASP E 27 -19.48 -41.12 -9.93
N LYS E 28 -20.71 -41.04 -9.45
CA LYS E 28 -21.67 -40.23 -10.14
C LYS E 28 -21.61 -38.77 -9.70
N ASP E 29 -20.64 -38.42 -8.84
CA ASP E 29 -20.49 -37.04 -8.39
C ASP E 29 -19.05 -36.67 -8.59
N PRO E 30 -18.57 -36.70 -9.86
CA PRO E 30 -17.20 -36.31 -10.09
C PRO E 30 -16.98 -34.82 -9.78
N ALA E 31 -18.02 -34.01 -9.82
CA ALA E 31 -17.92 -32.62 -9.30
C ALA E 31 -17.65 -32.50 -7.79
N ARG E 32 -17.77 -33.60 -7.03
CA ARG E 32 -17.57 -33.59 -5.56
C ARG E 32 -18.43 -32.54 -4.83
N ILE E 33 -19.64 -32.32 -5.33
CA ILE E 33 -20.58 -31.42 -4.69
C ILE E 33 -21.02 -31.99 -3.34
N PHE E 34 -21.19 -33.31 -3.29
CA PHE E 34 -21.65 -34.00 -2.11
C PHE E 34 -20.55 -34.73 -1.31
N ALA E 35 -19.27 -34.49 -1.64
CA ALA E 35 -18.13 -35.25 -1.10
C ALA E 35 -17.82 -35.00 0.36
N GLN E 36 -18.06 -33.78 0.80
CA GLN E 36 -17.60 -33.32 2.11
C GLN E 36 -18.71 -32.54 2.78
N PRO E 37 -18.62 -32.44 4.11
CA PRO E 37 -19.69 -31.75 4.80
C PRO E 37 -19.76 -30.31 4.31
N VAL E 38 -20.98 -29.83 4.09
CA VAL E 38 -21.22 -28.41 3.81
C VAL E 38 -20.51 -27.53 4.86
N SER E 39 -19.96 -26.42 4.42
CA SER E 39 -19.15 -25.52 5.28
C SER E 39 -20.04 -24.42 5.87
N LEU E 40 -19.99 -24.27 7.20
CA LEU E 40 -20.76 -23.20 7.87
C LEU E 40 -20.18 -21.81 7.62
N LYS E 41 -18.86 -21.72 7.50
CA LYS E 41 -18.25 -20.47 7.10
C LYS E 41 -18.94 -19.92 5.82
N GLU E 42 -19.16 -20.81 4.84
CA GLU E 42 -19.71 -20.42 3.53
C GLU E 42 -21.23 -20.31 3.51
N VAL E 43 -21.89 -21.04 4.39
CA VAL E 43 -23.36 -21.15 4.42
C VAL E 43 -23.77 -21.18 5.89
N PRO E 44 -23.63 -20.03 6.58
CA PRO E 44 -23.79 -19.97 8.04
C PRO E 44 -25.20 -20.17 8.54
N ASP E 45 -26.18 -20.13 7.64
CA ASP E 45 -27.59 -20.40 8.00
C ASP E 45 -28.03 -21.85 7.76
N TYR E 46 -27.10 -22.77 7.51
CA TYR E 46 -27.44 -24.15 7.05
C TYR E 46 -28.25 -24.94 8.07
N LEU E 47 -27.96 -24.73 9.36
CA LEU E 47 -28.60 -25.50 10.44
C LEU E 47 -29.98 -24.95 10.90
N ASP E 48 -30.30 -23.71 10.58
CA ASP E 48 -31.66 -23.19 10.74
C ASP E 48 -32.61 -24.11 9.95
N HIS E 49 -32.17 -24.50 8.77
CA HIS E 49 -32.99 -25.20 7.80
C HIS E 49 -32.82 -26.72 7.86
N ILE E 50 -31.58 -27.19 8.10
CA ILE E 50 -31.25 -28.61 7.91
C ILE E 50 -30.89 -29.25 9.22
N LYS E 51 -31.72 -30.19 9.69
CA LYS E 51 -31.51 -30.76 11.02
C LYS E 51 -30.48 -31.88 11.01
N HIS E 52 -30.24 -32.46 9.83
CA HIS E 52 -29.43 -33.65 9.73
C HIS E 52 -28.51 -33.60 8.50
N PRO E 53 -27.42 -32.80 8.56
CA PRO E 53 -26.46 -32.73 7.45
C PRO E 53 -25.85 -34.11 7.18
N MET E 54 -25.44 -34.33 5.94
CA MET E 54 -24.88 -35.60 5.52
C MET E 54 -24.11 -35.37 4.21
N ASP E 55 -22.95 -36.03 4.08
CA ASP E 55 -22.10 -35.98 2.88
C ASP E 55 -21.47 -37.38 2.72
N PHE E 56 -20.81 -37.64 1.60
CA PHE E 56 -20.24 -38.97 1.36
C PHE E 56 -19.11 -39.34 2.33
N ALA E 57 -18.25 -38.38 2.63
CA ALA E 57 -17.16 -38.60 3.60
C ALA E 57 -17.72 -39.03 4.96
N THR E 58 -18.83 -38.43 5.37
CA THR E 58 -19.48 -38.90 6.60
C THR E 58 -20.05 -40.31 6.41
N MET E 59 -20.78 -40.57 5.31
CA MET E 59 -21.21 -41.94 5.06
C MET E 59 -20.04 -42.87 5.05
N ARG E 60 -18.91 -42.45 4.47
CA ARG E 60 -17.78 -43.36 4.37
C ARG E 60 -17.14 -43.59 5.74
N LYS E 61 -17.15 -42.58 6.59
CA LYS E 61 -16.62 -42.74 7.97
C LYS E 61 -17.45 -43.72 8.80
N ARG E 62 -18.77 -43.62 8.70
CA ARG E 62 -19.66 -44.51 9.45
C ARG E 62 -19.43 -45.93 8.92
N LEU E 63 -19.30 -46.10 7.61
CA LEU E 63 -19.12 -47.43 6.99
C LEU E 63 -17.91 -48.13 7.57
N GLU E 64 -16.78 -47.45 7.51
CA GLU E 64 -15.51 -48.00 7.98
C GLU E 64 -15.47 -48.18 9.51
N ALA E 65 -16.36 -47.54 10.26
CA ALA E 65 -16.54 -47.83 11.68
C ALA E 65 -17.62 -48.90 11.91
N GLN E 66 -17.97 -49.64 10.85
CA GLN E 66 -18.99 -50.68 10.89
C GLN E 66 -20.30 -50.19 11.52
N GLY E 67 -20.74 -49.00 11.09
CA GLY E 67 -21.95 -48.38 11.58
C GLY E 67 -23.20 -48.60 10.74
N TYR E 68 -23.16 -49.49 9.76
CA TYR E 68 -24.32 -49.71 8.93
C TYR E 68 -24.71 -51.13 9.14
N LYS E 69 -25.87 -51.31 9.78
CA LYS E 69 -26.33 -52.64 10.11
C LYS E 69 -27.04 -53.28 8.91
N ASN E 70 -27.47 -52.48 7.95
CA ASN E 70 -28.31 -52.99 6.87
C ASN E 70 -28.46 -51.95 5.75
N LEU E 71 -28.86 -52.37 4.55
CA LEU E 71 -28.99 -51.46 3.39
C LEU E 71 -29.85 -50.24 3.76
N HIS E 72 -30.97 -50.50 4.42
CA HIS E 72 -31.93 -49.49 4.81
C HIS E 72 -31.26 -48.29 5.50
N GLU E 73 -30.37 -48.54 6.46
CA GLU E 73 -29.69 -47.42 7.13
C GLU E 73 -28.80 -46.65 6.13
N PHE E 74 -28.10 -47.36 5.24
CA PHE E 74 -27.23 -46.72 4.24
C PHE E 74 -28.11 -45.79 3.47
N GLU E 75 -29.16 -46.35 2.86
CA GLU E 75 -30.08 -45.60 2.04
C GLU E 75 -30.61 -44.38 2.73
N GLU E 76 -30.95 -44.54 4.00
CA GLU E 76 -31.51 -43.45 4.79
C GLU E 76 -30.54 -42.27 4.77
N ASP E 77 -29.25 -42.57 4.97
CA ASP E 77 -28.17 -41.56 4.83
C ASP E 77 -28.07 -41.01 3.41
N PHE E 78 -28.19 -41.86 2.40
CA PHE E 78 -28.10 -41.34 1.04
C PHE E 78 -29.23 -40.32 0.80
N ASP E 79 -30.43 -40.64 1.30
CA ASP E 79 -31.60 -39.79 1.01
C ASP E 79 -31.45 -38.47 1.76
N LEU E 80 -30.76 -38.51 2.89
CA LEU E 80 -30.40 -37.30 3.62
C LEU E 80 -29.51 -36.38 2.78
N ILE E 81 -28.64 -36.98 1.97
CA ILE E 81 -27.79 -36.20 1.06
C ILE E 81 -28.67 -35.50 0.06
N ILE E 82 -29.55 -36.29 -0.55
CA ILE E 82 -30.42 -35.86 -1.64
C ILE E 82 -31.50 -34.91 -1.15
N ASP E 83 -32.19 -35.30 -0.07
CA ASP E 83 -33.33 -34.55 0.41
C ASP E 83 -32.90 -33.22 0.97
N ASN E 84 -31.80 -33.19 1.73
CA ASN E 84 -31.39 -31.94 2.33
C ASN E 84 -31.15 -30.87 1.28
N CYS E 85 -30.30 -31.21 0.31
CA CYS E 85 -29.97 -30.33 -0.81
C CYS E 85 -31.25 -29.86 -1.50
N MET E 86 -32.15 -30.79 -1.84
CA MET E 86 -33.39 -30.40 -2.52
C MET E 86 -34.24 -29.52 -1.61
N LYS E 87 -34.16 -29.71 -0.30
CA LYS E 87 -34.89 -28.87 0.64
C LYS E 87 -34.35 -27.44 0.66
N TYR E 88 -33.04 -27.30 0.74
CA TYR E 88 -32.40 -25.98 0.97
C TYR E 88 -32.22 -25.10 -0.28
N ASN E 89 -32.09 -25.70 -1.46
CA ASN E 89 -31.83 -24.92 -2.67
C ASN E 89 -33.08 -24.92 -3.54
N ALA E 90 -33.26 -23.87 -4.34
CA ALA E 90 -34.50 -23.68 -5.14
C ALA E 90 -34.59 -24.54 -6.40
N ARG E 91 -35.83 -24.87 -6.80
CA ARG E 91 -36.09 -25.77 -7.93
C ARG E 91 -35.33 -25.39 -9.22
N ASP E 92 -34.93 -24.13 -9.33
CA ASP E 92 -34.15 -23.70 -10.46
C ASP E 92 -32.66 -24.05 -10.36
N THR E 93 -32.08 -24.03 -9.16
CA THR E 93 -30.60 -23.93 -9.02
C THR E 93 -29.76 -25.12 -9.51
N VAL E 94 -28.45 -24.85 -9.63
CA VAL E 94 -27.46 -25.86 -10.00
C VAL E 94 -27.42 -26.96 -8.95
N PHE E 95 -27.35 -26.59 -7.67
CA PHE E 95 -27.16 -27.56 -6.61
C PHE E 95 -28.36 -28.49 -6.55
N TYR E 96 -29.55 -27.92 -6.59
CA TYR E 96 -30.80 -28.68 -6.66
C TYR E 96 -30.76 -29.73 -7.77
N ARG E 97 -30.55 -29.29 -9.01
CA ARG E 97 -30.60 -30.16 -10.18
C ARG E 97 -29.52 -31.27 -10.14
N ALA E 98 -28.45 -31.07 -9.38
CA ALA E 98 -27.40 -32.07 -9.19
C ALA E 98 -27.89 -33.11 -8.20
N ALA E 99 -28.62 -32.65 -7.20
CA ALA E 99 -29.32 -33.53 -6.26
C ALA E 99 -30.29 -34.46 -6.99
N VAL E 100 -31.06 -33.93 -7.93
CA VAL E 100 -32.02 -34.73 -8.67
C VAL E 100 -31.35 -35.81 -9.52
N ARG E 101 -30.26 -35.43 -10.17
CA ARG E 101 -29.57 -36.35 -11.06
C ARG E 101 -28.91 -37.41 -10.21
N LEU E 102 -28.34 -37.01 -9.07
CA LEU E 102 -27.71 -37.98 -8.17
C LEU E 102 -28.72 -38.95 -7.58
N ARG E 103 -29.92 -38.45 -7.28
CA ARG E 103 -31.03 -39.29 -6.84
C ARG E 103 -31.42 -40.33 -7.89
N ASP E 104 -31.55 -39.91 -9.14
CA ASP E 104 -32.03 -40.78 -10.18
C ASP E 104 -30.95 -41.78 -10.59
N GLN E 105 -29.70 -41.36 -10.55
CA GLN E 105 -28.61 -42.29 -10.83
C GLN E 105 -28.36 -43.18 -9.61
N GLY E 106 -28.29 -42.59 -8.42
CA GLY E 106 -28.09 -43.35 -7.20
C GLY E 106 -29.12 -44.45 -7.03
N GLY E 107 -30.35 -44.17 -7.43
CA GLY E 107 -31.43 -45.12 -7.32
C GLY E 107 -31.21 -46.39 -8.14
N VAL E 108 -30.69 -46.28 -9.36
CA VAL E 108 -30.37 -47.51 -10.11
C VAL E 108 -29.39 -48.36 -9.30
N VAL E 109 -28.47 -47.73 -8.60
CA VAL E 109 -27.40 -48.43 -7.90
C VAL E 109 -27.92 -49.09 -6.62
N LEU E 110 -28.81 -48.37 -5.92
CA LEU E 110 -29.41 -48.86 -4.68
C LEU E 110 -30.38 -50.02 -4.94
N ARG E 111 -31.13 -49.95 -6.04
CA ARG E 111 -31.97 -51.08 -6.50
C ARG E 111 -31.14 -52.31 -6.69
N GLN E 112 -30.02 -52.16 -7.41
CA GLN E 112 -29.16 -53.32 -7.65
C GLN E 112 -28.61 -53.88 -6.32
N ALA E 113 -28.33 -52.98 -5.39
CA ALA E 113 -27.94 -53.34 -4.05
C ALA E 113 -29.06 -54.11 -3.32
N ARG E 114 -30.32 -53.69 -3.48
CA ARG E 114 -31.43 -54.39 -2.82
C ARG E 114 -31.51 -55.79 -3.41
N ARG E 115 -31.56 -55.88 -4.76
CA ARG E 115 -31.57 -57.16 -5.51
C ARG E 115 -30.48 -58.09 -5.04
N GLU E 116 -29.32 -57.54 -4.71
CA GLU E 116 -28.17 -58.38 -4.40
C GLU E 116 -28.31 -58.92 -2.97
N VAL E 117 -28.79 -58.08 -2.06
CA VAL E 117 -29.17 -58.52 -0.71
C VAL E 117 -30.15 -59.73 -0.79
N ASP E 118 -31.16 -59.64 -1.67
CA ASP E 118 -32.08 -60.75 -1.89
C ASP E 118 -31.37 -61.93 -2.55
N SER E 119 -30.51 -61.67 -3.54
CA SER E 119 -29.75 -62.75 -4.18
C SER E 119 -29.00 -63.61 -3.13
N ILE E 120 -28.41 -62.96 -2.13
CA ILE E 120 -27.62 -63.68 -1.16
C ILE E 120 -28.49 -64.56 -0.27
N GLY E 121 -29.68 -64.07 0.09
CA GLY E 121 -30.67 -64.89 0.81
C GLY E 121 -30.87 -66.24 0.13
N LEU E 122 -31.15 -66.22 -1.18
CA LEU E 122 -31.38 -67.45 -1.95
C LEU E 122 -30.16 -68.39 -2.04
N GLU E 123 -28.95 -67.83 -2.07
CA GLU E 123 -27.71 -68.64 -2.06
C GLU E 123 -27.64 -69.60 -0.86
N GLU E 124 -28.17 -69.15 0.28
CA GLU E 124 -28.17 -69.95 1.50
C GLU E 124 -29.13 -71.14 1.28
N ALA E 125 -28.63 -72.09 0.47
CA ALA E 125 -29.40 -73.18 -0.17
C ALA E 125 -28.48 -73.85 -1.21
N LEU F 11 -12.10 -32.86 64.09
CA LEU F 11 -11.65 -32.58 62.70
C LEU F 11 -10.50 -31.57 62.70
N THR F 12 -9.49 -31.75 61.85
CA THR F 12 -8.36 -30.79 61.81
C THR F 12 -8.74 -29.54 61.01
N PRO F 13 -7.95 -28.46 61.12
CA PRO F 13 -8.25 -27.22 60.41
C PRO F 13 -8.29 -27.36 58.90
N LEU F 14 -7.25 -27.97 58.34
CA LEU F 14 -7.19 -28.17 56.89
C LEU F 14 -8.45 -28.88 56.41
N THR F 15 -8.94 -29.84 57.19
CA THR F 15 -10.06 -30.65 56.75
C THR F 15 -11.28 -29.75 56.68
N VAL F 16 -11.41 -28.90 57.68
CA VAL F 16 -12.58 -28.05 57.79
C VAL F 16 -12.62 -27.09 56.60
N LEU F 17 -11.48 -26.45 56.32
CA LEU F 17 -11.35 -25.60 55.15
C LEU F 17 -11.63 -26.30 53.84
N LEU F 18 -11.02 -27.45 53.66
CA LEU F 18 -11.24 -28.25 52.45
C LEU F 18 -12.72 -28.64 52.32
N ARG F 19 -13.40 -28.96 53.42
CA ARG F 19 -14.82 -29.31 53.31
C ARG F 19 -15.63 -28.12 52.78
N SER F 20 -15.34 -26.93 53.30
CA SER F 20 -15.93 -25.69 52.80
C SER F 20 -15.56 -25.50 51.35
N VAL F 21 -14.28 -25.67 51.04
CA VAL F 21 -13.90 -25.59 49.63
C VAL F 21 -14.68 -26.63 48.79
N LEU F 22 -14.77 -27.88 49.24
CA LEU F 22 -15.40 -28.92 48.41
C LEU F 22 -16.86 -28.57 48.19
N ASP F 23 -17.52 -28.08 49.23
CA ASP F 23 -18.95 -27.83 49.13
C ASP F 23 -19.22 -26.70 48.12
N GLN F 24 -18.38 -25.68 48.20
CA GLN F 24 -18.45 -24.56 47.33
C GLN F 24 -18.19 -24.97 45.92
N LEU F 25 -17.27 -25.87 45.73
CA LEU F 25 -16.96 -26.41 44.43
C LEU F 25 -18.18 -27.19 43.88
N GLN F 26 -18.87 -27.96 44.72
CA GLN F 26 -20.05 -28.75 44.23
C GLN F 26 -21.21 -27.81 43.88
N ASP F 27 -21.29 -26.68 44.58
CA ASP F 27 -22.28 -25.68 44.30
C ASP F 27 -22.20 -25.11 42.88
N LYS F 28 -21.07 -25.28 42.22
CA LYS F 28 -20.84 -24.80 40.88
C LYS F 28 -21.04 -25.91 39.85
N ASP F 29 -21.48 -27.08 40.30
CA ASP F 29 -21.86 -28.19 39.42
C ASP F 29 -23.33 -28.53 39.74
N PRO F 30 -24.26 -27.58 39.49
CA PRO F 30 -25.63 -27.85 39.92
C PRO F 30 -26.20 -29.00 39.11
N ALA F 31 -25.67 -29.26 37.91
CA ALA F 31 -26.15 -30.44 37.17
C ALA F 31 -25.60 -31.75 37.70
N ARG F 32 -24.66 -31.71 38.63
CA ARG F 32 -24.17 -32.95 39.23
C ARG F 32 -23.44 -33.84 38.23
N ILE F 33 -22.72 -33.21 37.31
CA ILE F 33 -22.04 -33.89 36.27
C ILE F 33 -20.80 -34.62 36.84
N PHE F 34 -20.12 -33.98 37.80
CA PHE F 34 -18.92 -34.54 38.45
C PHE F 34 -19.15 -35.01 39.87
N ALA F 35 -20.40 -35.31 40.20
CA ALA F 35 -20.81 -35.66 41.57
C ALA F 35 -20.37 -37.06 41.95
N GLN F 36 -20.42 -37.96 40.96
CA GLN F 36 -20.14 -39.34 41.17
C GLN F 36 -19.08 -39.86 40.19
N PRO F 37 -18.48 -41.03 40.47
CA PRO F 37 -17.50 -41.60 39.51
C PRO F 37 -18.12 -41.82 38.13
N VAL F 38 -17.36 -41.64 37.06
CA VAL F 38 -17.91 -41.90 35.73
C VAL F 38 -18.24 -43.37 35.70
N SER F 39 -19.38 -43.69 35.10
CA SER F 39 -19.81 -45.06 34.99
C SER F 39 -19.21 -45.65 33.75
N LEU F 40 -18.43 -46.71 33.91
CA LEU F 40 -17.91 -47.45 32.75
C LEU F 40 -19.03 -48.04 31.86
N LYS F 41 -20.17 -48.38 32.47
CA LYS F 41 -21.35 -48.87 31.74
C LYS F 41 -21.84 -47.88 30.70
N GLU F 42 -21.66 -46.59 31.01
CA GLU F 42 -22.09 -45.50 30.14
C GLU F 42 -20.95 -45.08 29.21
N VAL F 43 -19.73 -45.19 29.71
CA VAL F 43 -18.51 -44.79 29.01
C VAL F 43 -17.49 -45.95 29.09
N PRO F 44 -17.73 -47.06 28.37
CA PRO F 44 -16.83 -48.26 28.47
C PRO F 44 -15.38 -48.11 27.98
N ASP F 45 -15.06 -47.10 27.18
CA ASP F 45 -13.67 -46.87 26.81
C ASP F 45 -12.99 -45.87 27.77
N TYR F 46 -13.66 -45.46 28.83
CA TYR F 46 -13.15 -44.38 29.66
C TYR F 46 -11.70 -44.56 30.09
N LEU F 47 -11.35 -45.76 30.59
CA LEU F 47 -9.98 -46.03 31.09
C LEU F 47 -8.88 -46.25 30.04
N ASP F 48 -9.27 -46.34 28.77
CA ASP F 48 -8.32 -46.33 27.67
C ASP F 48 -7.66 -44.94 27.60
N HIS F 49 -8.41 -43.88 27.91
CA HIS F 49 -7.91 -42.51 27.82
C HIS F 49 -7.55 -41.92 29.16
N ILE F 50 -8.35 -42.17 30.18
CA ILE F 50 -8.11 -41.55 31.48
C ILE F 50 -7.45 -42.53 32.40
N LYS F 51 -6.27 -42.20 32.88
CA LYS F 51 -5.55 -43.16 33.69
C LYS F 51 -5.92 -42.95 35.15
N HIS F 52 -6.43 -41.78 35.51
CA HIS F 52 -6.76 -41.48 36.90
C HIS F 52 -8.16 -40.77 37.07
N PRO F 53 -9.25 -41.56 36.99
CA PRO F 53 -10.59 -41.03 37.21
C PRO F 53 -10.69 -40.36 38.56
N MET F 54 -11.46 -39.28 38.63
CA MET F 54 -11.77 -38.65 39.88
C MET F 54 -13.15 -38.00 39.80
N ASP F 55 -13.74 -37.74 40.96
CA ASP F 55 -15.07 -37.17 41.06
C ASP F 55 -15.25 -36.60 42.45
N PHE F 56 -16.40 -35.95 42.69
CA PHE F 56 -16.53 -35.20 43.94
C PHE F 56 -16.78 -36.12 45.11
N ALA F 57 -17.56 -37.16 44.88
CA ALA F 57 -17.84 -38.16 45.90
C ALA F 57 -16.53 -38.82 46.41
N THR F 58 -15.63 -39.13 45.49
CA THR F 58 -14.41 -39.82 45.83
C THR F 58 -13.59 -38.85 46.69
N MET F 59 -13.54 -37.59 46.24
CA MET F 59 -12.91 -36.55 47.05
C MET F 59 -13.54 -36.46 48.45
N ARG F 60 -14.85 -36.55 48.56
CA ARG F 60 -15.53 -36.40 49.86
C ARG F 60 -15.10 -37.51 50.81
N LYS F 61 -15.03 -38.71 50.27
CA LYS F 61 -14.59 -39.89 50.99
C LYS F 61 -13.19 -39.72 51.51
N ARG F 62 -12.26 -39.37 50.62
CA ARG F 62 -10.88 -39.08 51.08
C ARG F 62 -10.90 -38.03 52.19
N LEU F 63 -11.58 -36.91 51.96
CA LEU F 63 -11.66 -35.82 52.95
C LEU F 63 -12.27 -36.26 54.27
N GLU F 64 -13.28 -37.11 54.20
CA GLU F 64 -13.97 -37.49 55.42
C GLU F 64 -13.11 -38.45 56.26
N ALA F 65 -12.11 -39.08 55.64
CA ALA F 65 -11.08 -39.84 56.38
C ALA F 65 -9.80 -39.01 56.59
N GLN F 66 -9.87 -37.72 56.34
CA GLN F 66 -8.74 -36.82 56.53
C GLN F 66 -7.50 -37.27 55.75
N GLY F 67 -7.72 -37.78 54.52
CA GLY F 67 -6.62 -38.18 53.63
C GLY F 67 -6.08 -37.09 52.71
N TYR F 68 -6.24 -35.83 53.12
CA TYR F 68 -5.60 -34.72 52.48
C TYR F 68 -4.67 -34.06 53.51
N LYS F 69 -3.37 -34.09 53.23
CA LYS F 69 -2.34 -33.55 54.12
C LYS F 69 -1.93 -32.11 53.75
N ASN F 70 -2.25 -31.68 52.54
CA ASN F 70 -2.11 -30.27 52.17
C ASN F 70 -3.07 -29.90 51.06
N LEU F 71 -3.27 -28.60 50.87
CA LEU F 71 -4.15 -28.09 49.83
C LEU F 71 -3.67 -28.59 48.48
N HIS F 72 -2.36 -28.76 48.33
CA HIS F 72 -1.80 -29.21 47.07
C HIS F 72 -2.43 -30.53 46.60
N GLU F 73 -2.52 -31.48 47.51
CA GLU F 73 -3.08 -32.79 47.21
C GLU F 73 -4.49 -32.63 46.69
N PHE F 74 -5.24 -31.73 47.33
CA PHE F 74 -6.67 -31.51 47.03
C PHE F 74 -6.79 -30.84 45.68
N GLU F 75 -5.94 -29.85 45.41
CA GLU F 75 -5.97 -29.21 44.09
C GLU F 75 -5.63 -30.19 42.98
N GLU F 76 -4.73 -31.13 43.27
CA GLU F 76 -4.38 -32.23 42.34
C GLU F 76 -5.61 -33.02 41.96
N ASP F 77 -6.43 -33.35 42.95
CA ASP F 77 -7.63 -34.16 42.65
C ASP F 77 -8.67 -33.39 41.85
N PHE F 78 -8.93 -32.18 42.28
CA PHE F 78 -9.89 -31.32 41.59
C PHE F 78 -9.50 -31.10 40.14
N ASP F 79 -8.20 -30.95 39.92
CA ASP F 79 -7.71 -30.66 38.59
C ASP F 79 -7.90 -31.90 37.74
N LEU F 80 -7.76 -33.08 38.37
CA LEU F 80 -8.05 -34.31 37.65
C LEU F 80 -9.47 -34.33 37.14
N ILE F 81 -10.40 -33.81 37.94
CA ILE F 81 -11.82 -33.83 37.54
C ILE F 81 -12.01 -33.01 36.29
N ILE F 82 -11.44 -31.82 36.30
CA ILE F 82 -11.51 -30.90 35.18
C ILE F 82 -10.71 -31.44 33.97
N ASP F 83 -9.45 -31.75 34.22
CA ASP F 83 -8.52 -32.23 33.15
C ASP F 83 -9.00 -33.50 32.43
N ASN F 84 -9.39 -34.51 33.19
CA ASN F 84 -9.98 -35.71 32.56
C ASN F 84 -11.13 -35.38 31.64
N CYS F 85 -12.01 -34.53 32.11
CA CYS F 85 -13.22 -34.26 31.39
C CYS F 85 -12.81 -33.60 30.11
N MET F 86 -11.91 -32.64 30.20
CA MET F 86 -11.47 -31.87 29.02
C MET F 86 -10.71 -32.73 28.02
N LYS F 87 -10.03 -33.76 28.53
CA LYS F 87 -9.31 -34.74 27.71
C LYS F 87 -10.29 -35.67 27.00
N TYR F 88 -11.29 -36.17 27.71
CA TYR F 88 -12.14 -37.21 27.14
C TYR F 88 -13.18 -36.65 26.18
N ASN F 89 -13.73 -35.49 26.51
CA ASN F 89 -14.83 -34.90 25.75
C ASN F 89 -14.34 -33.87 24.75
N ALA F 90 -14.98 -33.82 23.58
CA ALA F 90 -14.62 -32.86 22.52
C ALA F 90 -15.05 -31.43 22.89
N ARG F 91 -14.32 -30.46 22.34
CA ARG F 91 -14.49 -29.03 22.63
C ARG F 91 -15.96 -28.54 22.58
N ASP F 92 -16.77 -29.10 21.68
CA ASP F 92 -18.17 -28.67 21.53
C ASP F 92 -19.03 -28.97 22.77
N THR F 93 -18.88 -30.18 23.31
CA THR F 93 -19.90 -30.84 24.17
C THR F 93 -20.24 -30.15 25.47
N VAL F 94 -21.37 -30.56 26.04
CA VAL F 94 -21.87 -30.01 27.28
C VAL F 94 -20.89 -30.25 28.42
N PHE F 95 -20.39 -31.48 28.52
CA PHE F 95 -19.46 -31.84 29.59
C PHE F 95 -18.20 -30.95 29.56
N TYR F 96 -17.60 -30.79 28.39
CA TYR F 96 -16.40 -29.95 28.23
C TYR F 96 -16.58 -28.55 28.82
N ARG F 97 -17.66 -27.91 28.39
CA ARG F 97 -17.98 -26.54 28.79
C ARG F 97 -18.21 -26.49 30.32
N ALA F 98 -19.01 -27.43 30.82
CA ALA F 98 -19.23 -27.54 32.26
C ALA F 98 -17.89 -27.59 33.01
N ALA F 99 -16.93 -28.38 32.51
CA ALA F 99 -15.63 -28.49 33.17
C ALA F 99 -14.86 -27.17 33.11
N VAL F 100 -15.00 -26.45 32.00
CA VAL F 100 -14.37 -25.13 31.84
C VAL F 100 -14.97 -24.09 32.82
N ARG F 101 -16.30 -24.00 32.92
CA ARG F 101 -16.94 -23.10 33.90
C ARG F 101 -16.52 -23.47 35.32
N LEU F 102 -16.58 -24.75 35.64
CA LEU F 102 -16.14 -25.24 36.96
C LEU F 102 -14.69 -24.86 37.23
N ARG F 103 -13.83 -24.93 36.20
CA ARG F 103 -12.40 -24.59 36.37
C ARG F 103 -12.19 -23.11 36.71
N ASP F 104 -12.91 -22.24 36.00
CA ASP F 104 -12.76 -20.82 36.21
C ASP F 104 -13.37 -20.43 37.54
N GLN F 105 -14.61 -20.83 37.80
CA GLN F 105 -15.21 -20.54 39.11
C GLN F 105 -14.47 -21.27 40.23
N GLY F 106 -14.05 -22.50 39.97
CA GLY F 106 -13.36 -23.24 40.97
C GLY F 106 -12.08 -22.55 41.36
N GLY F 107 -11.39 -22.04 40.35
CA GLY F 107 -10.15 -21.32 40.55
C GLY F 107 -10.29 -20.24 41.60
N VAL F 108 -11.34 -19.44 41.47
CA VAL F 108 -11.63 -18.35 42.42
C VAL F 108 -11.68 -18.86 43.84
N VAL F 109 -12.29 -20.04 44.04
CA VAL F 109 -12.45 -20.64 45.39
C VAL F 109 -11.15 -21.23 45.91
N LEU F 110 -10.41 -21.89 45.02
CA LEU F 110 -9.14 -22.52 45.39
C LEU F 110 -8.12 -21.46 45.81
N ARG F 111 -8.09 -20.37 45.06
CA ARG F 111 -7.20 -19.26 45.38
CA ARG F 111 -7.21 -19.26 45.38
C ARG F 111 -7.54 -18.67 46.75
N GLN F 112 -8.83 -18.45 47.04
CA GLN F 112 -9.24 -17.95 48.38
C GLN F 112 -8.77 -18.92 49.47
N ALA F 113 -8.88 -20.22 49.17
CA ALA F 113 -8.34 -21.29 50.03
C ALA F 113 -6.82 -21.17 50.30
N ARG F 114 -6.00 -20.90 49.28
CA ARG F 114 -4.55 -20.73 49.53
C ARG F 114 -4.32 -19.50 50.43
N ARG F 115 -4.99 -18.39 50.11
CA ARG F 115 -4.87 -17.14 50.89
C ARG F 115 -5.18 -17.43 52.35
N GLU F 116 -6.21 -18.24 52.57
CA GLU F 116 -6.60 -18.60 53.91
C GLU F 116 -5.61 -19.56 54.56
N VAL F 117 -4.99 -20.42 53.77
CA VAL F 117 -3.96 -21.30 54.31
C VAL F 117 -2.81 -20.46 54.84
N ASP F 118 -2.52 -19.32 54.21
CA ASP F 118 -1.42 -18.43 54.69
C ASP F 118 -1.91 -17.52 55.81
N SER F 119 -3.14 -17.05 55.72
CA SER F 119 -3.65 -16.19 56.79
C SER F 119 -3.59 -16.93 58.13
N ILE F 120 -4.13 -18.15 58.16
CA ILE F 120 -3.98 -19.02 59.33
C ILE F 120 -2.53 -19.13 59.75
N GLY F 121 -1.66 -19.38 58.77
CA GLY F 121 -0.22 -19.39 58.99
C GLY F 121 0.29 -18.19 59.79
N LEU F 122 -0.20 -16.99 59.50
CA LEU F 122 0.29 -15.77 60.16
C LEU F 122 -0.26 -15.58 61.60
N GLU F 123 -1.40 -16.18 61.92
CA GLU F 123 -1.96 -16.13 63.31
C GLU F 123 -1.16 -17.04 64.27
N LEU G 11 9.01 50.65 -7.11
CA LEU G 11 9.31 50.95 -5.67
C LEU G 11 8.05 51.03 -4.77
N THR G 12 6.86 50.81 -5.33
CA THR G 12 5.62 50.87 -4.54
C THR G 12 5.18 49.47 -4.07
N PRO G 13 4.33 49.42 -3.01
CA PRO G 13 3.69 48.19 -2.54
C PRO G 13 2.99 47.41 -3.64
N LEU G 14 2.12 48.08 -4.39
CA LEU G 14 1.35 47.46 -5.48
C LEU G 14 2.26 46.86 -6.54
N THR G 15 3.38 47.53 -6.81
CA THR G 15 4.32 47.11 -7.84
C THR G 15 5.00 45.80 -7.45
N VAL G 16 5.54 45.76 -6.22
CA VAL G 16 6.12 44.52 -5.70
C VAL G 16 5.09 43.38 -5.78
N LEU G 17 3.84 43.70 -5.45
CA LEU G 17 2.81 42.69 -5.46
C LEU G 17 2.56 42.18 -6.86
N LEU G 18 2.50 43.06 -7.83
CA LEU G 18 2.08 42.60 -9.15
C LEU G 18 3.22 41.82 -9.80
N ARG G 19 4.45 42.21 -9.48
CA ARG G 19 5.62 41.39 -9.85
C ARG G 19 5.45 39.93 -9.43
N SER G 20 5.05 39.72 -8.18
CA SER G 20 4.96 38.38 -7.62
C SER G 20 3.84 37.64 -8.27
N VAL G 21 2.72 38.34 -8.47
CA VAL G 21 1.54 37.75 -9.10
C VAL G 21 1.94 37.34 -10.50
N LEU G 22 2.51 38.26 -11.28
CA LEU G 22 2.89 37.93 -12.65
C LEU G 22 3.87 36.74 -12.70
N ASP G 23 4.89 36.75 -11.85
CA ASP G 23 5.77 35.56 -11.71
C ASP G 23 5.00 34.26 -11.50
N GLN G 24 4.08 34.29 -10.54
CA GLN G 24 3.25 33.12 -10.24
C GLN G 24 2.36 32.71 -11.40
N LEU G 25 1.72 33.69 -12.04
CA LEU G 25 0.84 33.42 -13.14
C LEU G 25 1.66 32.72 -14.23
N GLN G 26 2.85 33.20 -14.49
CA GLN G 26 3.71 32.57 -15.52
C GLN G 26 4.25 31.21 -15.08
N ASP G 27 4.43 31.04 -13.77
CA ASP G 27 4.79 29.73 -13.25
C ASP G 27 3.67 28.73 -13.56
N LYS G 28 2.42 29.20 -13.69
CA LYS G 28 1.32 28.30 -14.14
C LYS G 28 1.34 27.98 -15.62
N ASP G 29 2.23 28.63 -16.40
CA ASP G 29 2.36 28.38 -17.84
C ASP G 29 3.78 27.94 -18.25
N PRO G 30 4.23 26.79 -17.74
CA PRO G 30 5.52 26.25 -18.12
C PRO G 30 5.62 25.87 -19.62
N ALA G 31 4.50 25.66 -20.31
CA ALA G 31 4.55 25.50 -21.75
C ALA G 31 4.95 26.79 -22.47
N ARG G 32 4.85 27.95 -21.80
CA ARG G 32 5.17 29.27 -22.43
C ARG G 32 4.29 29.54 -23.65
N ILE G 33 3.05 29.07 -23.60
CA ILE G 33 2.10 29.36 -24.65
C ILE G 33 1.67 30.81 -24.59
N PHE G 34 1.69 31.41 -23.39
CA PHE G 34 1.18 32.78 -23.21
C PHE G 34 2.29 33.74 -22.77
N ALA G 35 3.54 33.36 -22.94
CA ALA G 35 4.66 34.21 -22.50
C ALA G 35 4.94 35.35 -23.46
N GLN G 36 4.66 35.14 -24.75
CA GLN G 36 4.96 36.13 -25.76
C GLN G 36 3.75 36.35 -26.66
N PRO G 37 3.68 37.53 -27.31
CA PRO G 37 2.60 37.80 -28.26
C PRO G 37 2.48 36.68 -29.24
N VAL G 38 1.25 36.39 -29.64
CA VAL G 38 1.05 35.48 -30.74
C VAL G 38 1.72 36.08 -31.98
N SER G 39 2.46 35.23 -32.69
CA SER G 39 3.27 35.60 -33.84
C SER G 39 2.36 35.74 -35.05
N LEU G 40 2.28 36.96 -35.59
CA LEU G 40 1.47 37.21 -36.80
C LEU G 40 2.08 36.51 -38.01
N LYS G 41 3.40 36.26 -37.94
CA LYS G 41 4.10 35.45 -38.94
C LYS G 41 3.63 33.98 -38.99
N GLU G 42 3.26 33.39 -37.86
CA GLU G 42 2.82 31.97 -37.82
C GLU G 42 1.29 31.81 -37.89
N VAL G 43 0.59 32.81 -37.35
CA VAL G 43 -0.87 32.85 -37.26
C VAL G 43 -1.31 34.19 -37.90
N PRO G 44 -1.39 34.19 -39.26
CA PRO G 44 -1.53 35.45 -40.00
C PRO G 44 -2.85 36.16 -39.83
N ASP G 45 -3.91 35.41 -39.55
CA ASP G 45 -5.25 35.98 -39.42
C ASP G 45 -5.55 36.48 -38.01
N TYR G 46 -4.56 36.40 -37.12
CA TYR G 46 -4.83 36.63 -35.70
C TYR G 46 -5.46 37.96 -35.45
N LEU G 47 -4.93 39.02 -36.06
CA LEU G 47 -5.43 40.36 -35.75
C LEU G 47 -6.75 40.68 -36.45
N ASP G 48 -7.20 39.81 -37.35
CA ASP G 48 -8.57 39.90 -37.86
C ASP G 48 -9.59 39.56 -36.77
N HIS G 49 -9.33 38.50 -36.01
CA HIS G 49 -10.27 38.02 -34.97
C HIS G 49 -10.04 38.68 -33.60
N ILE G 50 -8.84 39.18 -33.33
CA ILE G 50 -8.49 39.61 -31.97
C ILE G 50 -8.08 41.08 -31.97
N LYS G 51 -8.90 41.90 -31.34
CA LYS G 51 -8.74 43.35 -31.39
C LYS G 51 -7.61 43.77 -30.47
N HIS G 52 -7.54 43.16 -29.29
CA HIS G 52 -6.54 43.54 -28.30
C HIS G 52 -5.68 42.36 -27.84
N PRO G 53 -4.69 42.00 -28.66
CA PRO G 53 -3.70 41.03 -28.20
C PRO G 53 -3.10 41.38 -26.85
N MET G 54 -2.72 40.36 -26.09
CA MET G 54 -2.08 40.54 -24.78
C MET G 54 -1.37 39.25 -24.55
N ASP G 55 -0.31 39.31 -23.74
CA ASP G 55 0.44 38.15 -23.33
C ASP G 55 1.23 38.55 -22.09
N PHE G 56 1.94 37.60 -21.47
CA PHE G 56 2.60 37.88 -20.21
C PHE G 56 3.75 38.86 -20.35
N ALA G 57 4.52 38.80 -21.45
CA ALA G 57 5.67 39.71 -21.60
C ALA G 57 5.16 41.14 -21.83
N THR G 58 4.08 41.29 -22.60
CA THR G 58 3.40 42.60 -22.62
C THR G 58 2.89 43.12 -21.26
N MET G 59 2.34 42.25 -20.45
CA MET G 59 1.93 42.71 -19.11
C MET G 59 3.13 43.18 -18.33
N ARG G 60 4.22 42.41 -18.46
CA ARG G 60 5.49 42.72 -17.83
C ARG G 60 6.00 44.10 -18.20
N LYS G 61 5.97 44.44 -19.49
CA LYS G 61 6.35 45.81 -19.92
C LYS G 61 5.44 46.87 -19.27
N ARG G 62 4.14 46.65 -19.34
CA ARG G 62 3.24 47.63 -18.73
C ARG G 62 3.48 47.75 -17.24
N LEU G 63 3.81 46.63 -16.59
CA LEU G 63 4.07 46.64 -15.16
C LEU G 63 5.32 47.45 -14.89
N GLU G 64 6.40 47.11 -15.59
CA GLU G 64 7.67 47.82 -15.46
C GLU G 64 7.56 49.33 -15.73
N ALA G 65 6.60 49.72 -16.60
CA ALA G 65 6.29 51.13 -16.87
C ALA G 65 5.37 51.81 -15.83
N GLN G 66 5.19 51.20 -14.66
CA GLN G 66 4.26 51.68 -13.64
C GLN G 66 2.84 51.99 -14.19
N GLY G 67 2.35 51.14 -15.09
CA GLY G 67 1.08 51.34 -15.83
C GLY G 67 -0.16 50.57 -15.39
N TYR G 68 -0.07 49.93 -14.22
CA TYR G 68 -1.25 49.39 -13.54
C TYR G 68 -1.51 50.25 -12.32
N LYS G 69 -2.64 50.98 -12.36
CA LYS G 69 -3.13 51.82 -11.25
C LYS G 69 -3.65 50.98 -10.08
N ASN G 70 -4.17 49.79 -10.39
CA ASN G 70 -4.69 48.86 -9.38
C ASN G 70 -4.78 47.40 -9.88
N LEU G 71 -5.22 46.49 -9.02
CA LEU G 71 -5.26 45.06 -9.34
C LEU G 71 -6.25 44.87 -10.43
N HIS G 72 -7.37 45.60 -10.34
CA HIS G 72 -8.41 45.45 -11.37
C HIS G 72 -7.78 45.61 -12.76
N GLU G 73 -6.90 46.58 -12.93
CA GLU G 73 -6.32 46.83 -14.28
C GLU G 73 -5.46 45.65 -14.78
N PHE G 74 -4.67 45.09 -13.85
CA PHE G 74 -3.85 43.92 -14.10
C PHE G 74 -4.72 42.73 -14.51
N GLU G 75 -5.78 42.47 -13.73
CA GLU G 75 -6.74 41.39 -14.02
C GLU G 75 -7.41 41.47 -15.39
N GLU G 76 -7.81 42.67 -15.81
CA GLU G 76 -8.33 42.80 -17.18
C GLU G 76 -7.28 42.38 -18.20
N ASP G 77 -6.01 42.73 -18.00
CA ASP G 77 -4.98 42.27 -18.95
C ASP G 77 -4.93 40.73 -18.94
N PHE G 78 -4.88 40.16 -17.74
CA PHE G 78 -4.88 38.72 -17.62
C PHE G 78 -6.07 38.08 -18.30
N ASP G 79 -7.26 38.58 -18.04
CA ASP G 79 -8.48 38.06 -18.71
C ASP G 79 -8.47 38.23 -20.21
N LEU G 80 -7.83 39.28 -20.70
CA LEU G 80 -7.59 39.37 -22.15
C LEU G 80 -6.85 38.15 -22.67
N ILE G 81 -5.81 37.75 -21.96
CA ILE G 81 -5.01 36.62 -22.40
C ILE G 81 -5.97 35.42 -22.62
N ILE G 82 -6.77 35.11 -21.61
CA ILE G 82 -7.64 33.94 -21.66
C ILE G 82 -8.73 34.07 -22.71
N ASP G 83 -9.39 35.23 -22.72
CA ASP G 83 -10.54 35.43 -23.58
C ASP G 83 -10.10 35.39 -25.06
N ASN G 84 -8.96 35.99 -25.37
CA ASN G 84 -8.43 35.94 -26.74
C ASN G 84 -8.21 34.51 -27.21
N CYS G 85 -7.61 33.73 -26.33
CA CYS G 85 -7.28 32.37 -26.67
C CYS G 85 -8.58 31.53 -26.83
N MET G 86 -9.48 31.63 -25.86
CA MET G 86 -10.77 30.92 -25.96
C MET G 86 -11.69 31.44 -27.06
N LYS G 87 -11.45 32.63 -27.58
CA LYS G 87 -12.22 33.14 -28.72
C LYS G 87 -11.63 32.65 -30.04
N TYR G 88 -10.32 32.76 -30.18
CA TYR G 88 -9.67 32.39 -31.43
C TYR G 88 -9.54 30.88 -31.63
N ASN G 89 -9.28 30.12 -30.55
CA ASN G 89 -9.05 28.67 -30.70
C ASN G 89 -10.30 27.86 -30.38
N ALA G 90 -10.65 26.89 -31.23
CA ALA G 90 -11.77 25.96 -30.99
C ALA G 90 -11.66 25.16 -29.67
N ARG G 91 -12.81 24.85 -29.10
CA ARG G 91 -12.91 24.10 -27.83
C ARG G 91 -12.16 22.75 -27.80
N ASP G 92 -11.80 22.20 -28.96
CA ASP G 92 -11.11 20.90 -29.02
C ASP G 92 -9.62 21.03 -29.41
N THR G 93 -8.95 22.06 -28.91
CA THR G 93 -7.54 22.27 -29.20
C THR G 93 -6.79 22.41 -27.91
N VAL G 94 -5.52 22.06 -27.96
CA VAL G 94 -4.63 22.19 -26.82
C VAL G 94 -4.58 23.61 -26.29
N PHE G 95 -4.63 24.61 -27.16
CA PHE G 95 -4.54 25.99 -26.70
C PHE G 95 -5.79 26.41 -25.88
N TYR G 96 -6.98 26.07 -26.35
CA TYR G 96 -8.21 26.39 -25.60
C TYR G 96 -8.15 25.79 -24.19
N ARG G 97 -7.93 24.49 -24.15
CA ARG G 97 -7.79 23.77 -22.90
C ARG G 97 -6.70 24.38 -21.98
N ALA G 98 -5.64 24.91 -22.57
CA ALA G 98 -4.58 25.52 -21.73
C ALA G 98 -5.05 26.83 -21.09
N ALA G 99 -5.83 27.58 -21.86
CA ALA G 99 -6.41 28.82 -21.39
C ALA G 99 -7.39 28.57 -20.24
N VAL G 100 -8.27 27.58 -20.41
CA VAL G 100 -9.20 27.14 -19.37
C VAL G 100 -8.42 26.85 -18.10
N ARG G 101 -7.33 26.09 -18.23
CA ARG G 101 -6.53 25.72 -17.08
C ARG G 101 -5.82 26.91 -16.44
N LEU G 102 -5.34 27.85 -17.25
CA LEU G 102 -4.64 29.02 -16.71
C LEU G 102 -5.65 29.98 -16.06
N ARG G 103 -6.85 30.09 -16.63
CA ARG G 103 -7.95 30.79 -15.94
C ARG G 103 -8.22 30.25 -14.52
N ASP G 104 -8.41 28.94 -14.42
CA ASP G 104 -8.72 28.33 -13.12
C ASP G 104 -7.57 28.57 -12.17
N GLN G 105 -6.33 28.39 -12.62
CA GLN G 105 -5.23 28.42 -11.65
C GLN G 105 -4.82 29.87 -11.37
N GLY G 106 -4.85 30.69 -12.42
CA GLY G 106 -4.66 32.10 -12.30
C GLY G 106 -5.69 32.79 -11.43
N GLY G 107 -6.95 32.41 -11.57
CA GLY G 107 -8.02 32.89 -10.68
C GLY G 107 -7.69 32.80 -9.19
N VAL G 108 -7.13 31.69 -8.76
CA VAL G 108 -6.73 31.50 -7.34
C VAL G 108 -5.71 32.52 -6.86
N VAL G 109 -4.68 32.73 -7.67
CA VAL G 109 -3.58 33.64 -7.39
C VAL G 109 -4.07 35.09 -7.28
N LEU G 110 -4.97 35.45 -8.19
CA LEU G 110 -5.60 36.74 -8.20
C LEU G 110 -6.58 36.92 -7.03
N ARG G 111 -7.36 35.90 -6.69
CA ARG G 111 -8.14 36.01 -5.45
C ARG G 111 -7.22 36.17 -4.23
N GLN G 112 -6.04 35.56 -4.27
CA GLN G 112 -5.11 35.70 -3.15
C GLN G 112 -4.51 37.10 -3.14
N ALA G 113 -4.19 37.63 -4.32
CA ALA G 113 -3.64 38.98 -4.41
C ALA G 113 -4.69 40.01 -3.94
N ARG G 114 -5.94 39.76 -4.23
CA ARG G 114 -6.99 40.64 -3.73
C ARG G 114 -7.00 40.75 -2.19
N ARG G 115 -6.67 39.66 -1.50
CA ARG G 115 -6.75 39.67 -0.02
C ARG G 115 -5.54 40.43 0.53
N GLU G 116 -4.47 40.45 -0.27
CA GLU G 116 -3.30 41.22 0.03
C GLU G 116 -3.63 42.72 -0.03
N VAL G 117 -4.21 43.14 -1.17
CA VAL G 117 -4.68 44.52 -1.40
C VAL G 117 -5.69 44.94 -0.31
N ASP G 118 -6.65 44.09 -0.01
CA ASP G 118 -7.54 44.33 1.14
C ASP G 118 -6.72 44.73 2.39
N SER G 119 -5.67 43.96 2.66
CA SER G 119 -4.92 44.06 3.90
C SER G 119 -4.02 45.26 3.88
N ILE G 120 -3.18 45.35 2.86
CA ILE G 120 -2.25 46.47 2.71
C ILE G 120 -2.99 47.79 2.60
N GLY G 121 -4.17 47.76 1.96
CA GLY G 121 -5.00 48.96 1.80
C GLY G 121 -5.54 49.60 3.08
N LEU G 122 -5.48 48.90 4.21
CA LEU G 122 -5.82 49.47 5.53
C LEU G 122 -4.64 50.29 6.04
N PRO H 13 -25.89 -8.28 40.68
CA PRO H 13 -25.83 -9.64 40.13
C PRO H 13 -26.07 -9.69 38.61
N LEU H 14 -25.69 -8.61 37.90
CA LEU H 14 -25.79 -8.57 36.45
C LEU H 14 -24.79 -9.54 35.85
N THR H 15 -23.65 -9.72 36.52
CA THR H 15 -22.58 -10.59 36.00
C THR H 15 -23.09 -11.97 35.67
N VAL H 16 -23.89 -12.52 36.58
CA VAL H 16 -24.51 -13.81 36.38
C VAL H 16 -25.30 -13.82 35.08
N LEU H 17 -26.16 -12.82 34.94
CA LEU H 17 -27.11 -12.72 33.85
C LEU H 17 -26.36 -12.51 32.51
N LEU H 18 -25.39 -11.62 32.53
CA LEU H 18 -24.64 -11.26 31.32
C LEU H 18 -23.85 -12.43 30.78
N ARG H 19 -23.25 -13.18 31.70
CA ARG H 19 -22.46 -14.36 31.35
C ARG H 19 -23.36 -15.29 30.62
N SER H 20 -24.59 -15.42 31.07
CA SER H 20 -25.49 -16.36 30.41
C SER H 20 -26.02 -15.76 29.10
N VAL H 21 -26.16 -14.43 29.05
CA VAL H 21 -26.54 -13.75 27.79
C VAL H 21 -25.46 -14.00 26.76
N LEU H 22 -24.23 -13.75 27.15
CA LEU H 22 -23.08 -13.96 26.28
C LEU H 22 -22.95 -15.39 25.76
N ASP H 23 -23.16 -16.37 26.63
CA ASP H 23 -23.11 -17.75 26.19
C ASP H 23 -24.18 -17.96 25.14
N GLN H 24 -25.35 -17.35 25.36
CA GLN H 24 -26.48 -17.53 24.46
C GLN H 24 -26.19 -16.83 23.16
N LEU H 25 -25.49 -15.69 23.23
CA LEU H 25 -25.13 -14.95 22.01
C LEU H 25 -24.08 -15.73 21.24
N GLN H 26 -23.08 -16.23 21.96
CA GLN H 26 -22.01 -17.01 21.35
C GLN H 26 -22.57 -18.30 20.66
N ASP H 27 -23.68 -18.82 21.15
CA ASP H 27 -24.37 -19.97 20.54
C ASP H 27 -25.13 -19.62 19.26
N LYS H 28 -25.36 -18.34 19.05
CA LYS H 28 -25.96 -17.86 17.81
C LYS H 28 -24.91 -17.70 16.73
N ASP H 29 -23.64 -17.92 17.09
CA ASP H 29 -22.50 -17.82 16.17
C ASP H 29 -21.71 -19.12 16.16
N PRO H 30 -22.36 -20.21 15.72
CA PRO H 30 -21.64 -21.49 15.72
C PRO H 30 -20.41 -21.42 14.82
N ALA H 31 -20.55 -20.72 13.69
CA ALA H 31 -19.45 -20.46 12.75
C ALA H 31 -18.16 -19.89 13.37
N ARG H 32 -18.27 -19.27 14.55
CA ARG H 32 -17.12 -18.71 15.30
C ARG H 32 -16.55 -17.39 14.69
N ILE H 33 -17.29 -16.86 13.72
CA ILE H 33 -16.93 -15.65 12.96
C ILE H 33 -16.62 -14.44 13.83
N PHE H 34 -17.22 -14.38 15.02
CA PHE H 34 -17.14 -13.21 15.91
C PHE H 34 -16.51 -13.53 17.25
N ALA H 35 -15.84 -14.68 17.34
CA ALA H 35 -15.33 -15.26 18.58
C ALA H 35 -14.17 -14.48 19.15
N GLN H 36 -13.25 -14.12 18.26
CA GLN H 36 -12.02 -13.43 18.64
C GLN H 36 -11.85 -12.18 17.74
N PRO H 37 -11.00 -11.22 18.18
CA PRO H 37 -10.83 -10.01 17.39
C PRO H 37 -10.38 -10.32 15.96
N VAL H 38 -11.01 -9.69 14.98
CA VAL H 38 -10.54 -9.70 13.61
C VAL H 38 -9.03 -9.38 13.60
N SER H 39 -8.21 -10.24 13.03
CA SER H 39 -6.75 -9.98 13.04
C SER H 39 -6.36 -8.86 12.07
N LEU H 40 -5.63 -7.89 12.60
CA LEU H 40 -5.15 -6.76 11.82
C LEU H 40 -4.20 -7.19 10.70
N LYS H 41 -3.51 -8.30 10.90
CA LYS H 41 -2.62 -8.84 9.89
C LYS H 41 -3.36 -9.43 8.66
N GLU H 42 -4.50 -10.08 8.88
CA GLU H 42 -5.33 -10.61 7.80
C GLU H 42 -6.20 -9.56 7.09
N VAL H 43 -6.65 -8.54 7.84
CA VAL H 43 -7.42 -7.40 7.30
C VAL H 43 -6.70 -6.12 7.70
N PRO H 44 -5.61 -5.79 6.99
CA PRO H 44 -4.74 -4.68 7.39
C PRO H 44 -5.30 -3.26 7.24
N ASP H 45 -6.34 -3.06 6.44
CA ASP H 45 -7.03 -1.78 6.38
C ASP H 45 -8.15 -1.65 7.41
N TYR H 46 -8.31 -2.63 8.32
CA TYR H 46 -9.48 -2.63 9.19
C TYR H 46 -9.68 -1.30 9.93
N LEU H 47 -8.62 -0.77 10.52
CA LEU H 47 -8.69 0.51 11.23
C LEU H 47 -8.88 1.76 10.37
N ASP H 48 -8.80 1.64 9.04
CA ASP H 48 -9.18 2.74 8.14
C ASP H 48 -10.70 2.89 8.16
N HIS H 49 -11.42 1.82 8.45
CA HIS H 49 -12.89 1.79 8.36
C HIS H 49 -13.60 1.65 9.69
N ILE H 50 -12.93 1.05 10.66
CA ILE H 50 -13.50 0.81 11.96
C ILE H 50 -12.71 1.46 13.05
N LYS H 51 -13.42 2.02 14.01
CA LYS H 51 -12.89 2.90 14.99
C LYS H 51 -12.76 2.15 16.33
N HIS H 52 -13.63 1.17 16.61
CA HIS H 52 -13.60 0.37 17.88
C HIS H 52 -13.92 -1.09 17.63
N PRO H 53 -12.89 -1.88 17.32
CA PRO H 53 -13.10 -3.30 17.07
C PRO H 53 -13.69 -3.97 18.30
N MET H 54 -14.53 -4.99 18.11
CA MET H 54 -15.13 -5.69 19.20
C MET H 54 -15.37 -7.13 18.82
N ASP H 55 -15.35 -8.00 19.84
CA ASP H 55 -15.70 -9.41 19.65
C ASP H 55 -16.07 -10.01 20.99
N PHE H 56 -16.63 -11.21 20.94
CA PHE H 56 -17.10 -11.87 22.14
C PHE H 56 -16.04 -12.11 23.21
N ALA H 57 -14.85 -12.51 22.79
CA ALA H 57 -13.74 -12.72 23.73
C ALA H 57 -13.44 -11.46 24.51
N THR H 58 -13.37 -10.33 23.82
CA THR H 58 -13.12 -9.03 24.46
C THR H 58 -14.27 -8.63 25.39
N MET H 59 -15.51 -9.00 25.02
CA MET H 59 -16.67 -8.76 25.89
C MET H 59 -16.57 -9.63 27.15
N ARG H 60 -16.19 -10.91 26.99
CA ARG H 60 -15.95 -11.81 28.13
C ARG H 60 -15.03 -11.16 29.12
N LYS H 61 -13.90 -10.65 28.62
CA LYS H 61 -12.90 -10.04 29.47
C LYS H 61 -13.53 -8.89 30.24
N ARG H 62 -14.06 -7.90 29.53
CA ARG H 62 -14.67 -6.75 30.21
C ARG H 62 -15.70 -7.25 31.24
N LEU H 63 -16.48 -8.25 30.86
CA LEU H 63 -17.50 -8.82 31.72
C LEU H 63 -16.93 -9.36 33.02
N GLU H 64 -15.85 -10.13 32.89
CA GLU H 64 -15.31 -10.90 34.02
C GLU H 64 -14.22 -10.12 34.79
N ALA H 65 -14.11 -8.82 34.51
CA ALA H 65 -13.49 -7.84 35.41
C ALA H 65 -14.52 -6.78 35.85
N GLN H 66 -15.79 -7.14 35.88
CA GLN H 66 -16.85 -6.20 36.29
C GLN H 66 -16.76 -4.86 35.54
N GLY H 67 -16.45 -4.94 34.25
CA GLY H 67 -16.37 -3.75 33.39
C GLY H 67 -17.70 -3.20 32.87
N TYR H 68 -18.78 -3.98 33.02
CA TYR H 68 -20.11 -3.58 32.56
C TYR H 68 -21.01 -3.16 33.72
N LYS H 69 -21.21 -1.86 33.85
CA LYS H 69 -22.09 -1.29 34.90
C LYS H 69 -23.60 -1.59 34.72
N ASN H 70 -24.05 -1.98 33.52
CA ASN H 70 -25.47 -2.27 33.30
C ASN H 70 -25.67 -2.93 31.95
N LEU H 71 -26.88 -3.40 31.65
CA LEU H 71 -27.14 -4.09 30.39
C LEU H 71 -26.88 -3.23 29.16
N HIS H 72 -27.23 -1.94 29.21
CA HIS H 72 -27.08 -1.10 28.02
C HIS H 72 -25.62 -1.02 27.56
N GLU H 73 -24.69 -0.98 28.49
CA GLU H 73 -23.26 -1.02 28.13
C GLU H 73 -22.90 -2.32 27.40
N PHE H 74 -23.44 -3.43 27.88
CA PHE H 74 -23.20 -4.73 27.24
C PHE H 74 -23.74 -4.70 25.83
N GLU H 75 -24.98 -4.23 25.76
CA GLU H 75 -25.67 -4.00 24.49
C GLU H 75 -24.82 -3.21 23.53
N GLU H 76 -24.24 -2.11 23.98
CA GLU H 76 -23.35 -1.31 23.14
C GLU H 76 -22.27 -2.16 22.48
N ASP H 77 -21.51 -2.90 23.30
CA ASP H 77 -20.41 -3.72 22.77
C ASP H 77 -20.94 -4.74 21.74
N PHE H 78 -22.06 -5.37 22.04
CA PHE H 78 -22.65 -6.31 21.05
C PHE H 78 -22.92 -5.54 19.76
N ASP H 79 -23.48 -4.34 19.89
CA ASP H 79 -23.78 -3.55 18.72
C ASP H 79 -22.52 -3.26 17.88
N LEU H 80 -21.39 -3.02 18.53
CA LEU H 80 -20.12 -2.84 17.80
C LEU H 80 -19.84 -4.06 16.99
N ILE H 81 -19.90 -5.24 17.60
CA ILE H 81 -19.65 -6.44 16.80
C ILE H 81 -20.44 -6.36 15.50
N ILE H 82 -21.72 -6.06 15.61
CA ILE H 82 -22.61 -6.14 14.44
C ILE H 82 -22.32 -5.07 13.43
N ASP H 83 -22.19 -3.84 13.91
CA ASP H 83 -22.08 -2.65 13.09
C ASP H 83 -20.71 -2.59 12.39
N ASN H 84 -19.63 -2.85 13.17
CA ASN H 84 -18.30 -3.01 12.60
C ASN H 84 -18.27 -3.99 11.36
N CYS H 85 -18.68 -5.22 11.56
CA CYS H 85 -18.61 -6.24 10.50
C CYS H 85 -19.46 -5.80 9.29
N MET H 86 -20.58 -5.14 9.55
CA MET H 86 -21.46 -4.60 8.51
C MET H 86 -21.00 -3.30 7.86
N LYS H 87 -20.19 -2.47 8.54
CA LYS H 87 -19.59 -1.32 7.87
C LYS H 87 -18.49 -1.83 6.90
N TYR H 88 -17.65 -2.76 7.37
CA TYR H 88 -16.48 -3.20 6.62
C TYR H 88 -16.82 -4.11 5.44
N ASN H 89 -17.35 -5.30 5.75
CA ASN H 89 -17.42 -6.43 4.79
C ASN H 89 -18.56 -6.19 3.81
N ALA H 90 -18.49 -6.76 2.62
CA ALA H 90 -19.52 -6.55 1.58
C ALA H 90 -20.82 -7.36 1.82
N ARG H 91 -21.95 -6.79 1.37
CA ARG H 91 -23.28 -7.46 1.44
C ARG H 91 -23.24 -8.87 0.85
N ASP H 92 -22.84 -8.98 -0.42
CA ASP H 92 -22.67 -10.28 -1.10
C ASP H 92 -21.82 -11.32 -0.35
N THR H 93 -20.96 -10.87 0.57
CA THR H 93 -20.19 -11.75 1.48
C THR H 93 -21.10 -12.37 2.53
N VAL H 94 -20.67 -13.48 3.09
CA VAL H 94 -21.46 -14.20 4.08
C VAL H 94 -21.59 -13.37 5.36
N PHE H 95 -20.58 -12.53 5.59
CA PHE H 95 -20.47 -11.80 6.85
C PHE H 95 -21.58 -10.76 6.99
N TYR H 96 -21.87 -9.98 5.95
CA TYR H 96 -23.02 -9.08 6.08
C TYR H 96 -24.30 -9.83 6.49
N ARG H 97 -24.62 -10.93 5.80
CA ARG H 97 -25.81 -11.69 6.15
C ARG H 97 -25.66 -12.43 7.49
N ALA H 98 -24.46 -12.98 7.80
CA ALA H 98 -24.17 -13.57 9.12
C ALA H 98 -24.32 -12.56 10.25
N ALA H 99 -23.67 -11.40 10.08
CA ALA H 99 -23.86 -10.30 10.98
C ALA H 99 -25.34 -9.92 11.00
N VAL H 100 -26.07 -10.03 9.88
CA VAL H 100 -27.50 -9.70 9.92
C VAL H 100 -28.22 -10.73 10.80
N ARG H 101 -27.87 -12.00 10.67
CA ARG H 101 -28.60 -13.06 11.38
C ARG H 101 -28.24 -13.02 12.88
N LEU H 102 -27.00 -12.70 13.21
CA LEU H 102 -26.59 -12.58 14.61
C LEU H 102 -27.28 -11.41 15.28
N ARG H 103 -27.55 -10.39 14.48
CA ARG H 103 -28.23 -9.20 14.98
C ARG H 103 -29.70 -9.51 15.31
N ASP H 104 -30.39 -10.24 14.43
CA ASP H 104 -31.80 -10.54 14.63
C ASP H 104 -32.01 -11.57 15.77
N GLN H 105 -31.19 -12.61 15.79
CA GLN H 105 -31.26 -13.63 16.83
C GLN H 105 -30.67 -13.13 18.15
N GLY H 106 -29.55 -12.47 18.07
CA GLY H 106 -29.01 -11.82 19.26
C GLY H 106 -29.92 -10.78 19.88
N GLY H 107 -30.69 -10.07 19.05
CA GLY H 107 -31.55 -8.99 19.54
C GLY H 107 -32.61 -9.61 20.42
N VAL H 108 -33.02 -10.83 20.08
CA VAL H 108 -34.05 -11.52 20.84
C VAL H 108 -33.57 -11.90 22.23
N VAL H 109 -32.35 -12.42 22.30
CA VAL H 109 -31.71 -12.72 23.56
C VAL H 109 -31.63 -11.50 24.42
N LEU H 110 -31.23 -10.37 23.84
CA LEU H 110 -31.05 -9.14 24.61
C LEU H 110 -32.38 -8.50 25.08
N ARG H 111 -33.42 -8.56 24.27
CA ARG H 111 -34.73 -8.06 24.69
C ARG H 111 -35.25 -8.95 25.83
N GLN H 112 -34.89 -10.22 25.83
CA GLN H 112 -35.25 -11.13 26.91
C GLN H 112 -34.45 -10.85 28.20
N ALA H 113 -33.20 -10.44 28.04
CA ALA H 113 -32.37 -10.03 29.17
C ALA H 113 -32.97 -8.73 29.78
N ARG H 114 -33.44 -7.85 28.92
CA ARG H 114 -33.97 -6.57 29.32
C ARG H 114 -35.16 -6.77 30.26
N ARG H 115 -35.96 -7.78 29.92
CA ARG H 115 -37.16 -8.16 30.63
C ARG H 115 -36.88 -8.72 32.04
N GLU H 116 -35.76 -9.42 32.15
CA GLU H 116 -35.31 -9.88 33.45
C GLU H 116 -34.79 -8.70 34.27
N VAL H 117 -34.04 -7.80 33.64
CA VAL H 117 -33.60 -6.57 34.35
C VAL H 117 -34.81 -5.81 34.89
N ASP H 118 -35.82 -5.63 34.03
CA ASP H 118 -37.03 -4.96 34.42
C ASP H 118 -37.58 -5.51 35.74
N SER H 119 -37.61 -6.84 35.88
CA SER H 119 -38.13 -7.47 37.11
C SER H 119 -37.21 -7.31 38.33
N ILE H 120 -35.89 -7.36 38.16
CA ILE H 120 -34.97 -7.10 39.29
C ILE H 120 -35.34 -5.83 40.08
#